data_3GMJ
#
_entry.id   3GMJ
#
_cell.length_a   137.261
_cell.length_b   137.261
_cell.length_c   194.430
_cell.angle_alpha   90.000
_cell.angle_beta   90.000
_cell.angle_gamma   120.000
#
_symmetry.space_group_name_H-M   'H 3'
#
loop_
_entity.id
_entity.type
_entity.pdbx_description
1 polymer 'Protein mothers against dpp'
2 water water
#
_entity_poly.entity_id   1
_entity_poly.type   'polypeptide(L)'
_entity_poly.pdbx_seq_one_letter_code
;GPHMDSLAGTPPPAYSPSEDGNSNNPNDGGQLLDAQMGDVAQVSYSEPAFWASIAYYELNCRVGEVFHCNNNSVIVDGFT
NPSNNSDRCCLGQLSNVNRNSTIENTRRHIGKGVHLYYVTGEVYAECLSDSAIFVQSRNCNYQHGFHPSTVCKIPPGCSL
KIFNNQEFAQLLSQSVNNGFEAVYELTKMCTIRMSFVKGWGAEYHRQDVTSTPCWIEIHLHGPLQWLDKVLTQMGSPHNA
ISSVS
;
_entity_poly.pdbx_strand_id   D,B,A,C
#
# COMPACT_ATOMS: atom_id res chain seq x y z
N GLU A 47 45.31 31.55 -17.33
CA GLU A 47 46.28 30.97 -18.26
C GLU A 47 45.68 30.37 -19.54
N PRO A 48 44.60 29.55 -19.40
CA PRO A 48 43.96 28.95 -20.57
C PRO A 48 42.80 29.79 -21.13
N ALA A 49 42.61 29.75 -22.45
CA ALA A 49 41.53 30.50 -23.10
C ALA A 49 40.16 30.17 -22.51
N PHE A 50 39.98 28.91 -22.09
CA PHE A 50 38.75 28.44 -21.50
C PHE A 50 39.04 27.73 -20.21
N TRP A 51 38.15 27.87 -19.24
CA TRP A 51 38.41 27.26 -17.97
C TRP A 51 37.84 25.85 -17.98
N ALA A 52 36.81 25.65 -18.80
CA ALA A 52 36.25 24.33 -19.00
C ALA A 52 35.81 24.11 -20.44
N SER A 53 35.62 22.84 -20.77
CA SER A 53 34.80 22.47 -21.92
C SER A 53 33.85 21.37 -21.48
N ILE A 54 32.67 21.37 -22.10
CA ILE A 54 31.59 20.44 -21.74
C ILE A 54 31.07 19.74 -22.98
N ALA A 55 31.12 18.41 -22.97
CA ALA A 55 30.44 17.64 -24.01
C ALA A 55 29.28 16.86 -23.40
N TYR A 56 28.20 16.79 -24.16
CA TYR A 56 26.96 16.19 -23.74
C TYR A 56 26.75 14.83 -24.40
N TYR A 57 26.14 13.92 -23.65
CA TYR A 57 25.77 12.62 -24.18
C TYR A 57 24.37 12.24 -23.82
N GLU A 58 23.84 11.32 -24.60
CA GLU A 58 22.60 10.65 -24.26
C GLU A 58 22.89 9.14 -24.27
N LEU A 59 23.03 8.58 -23.08
CA LEU A 59 23.44 7.19 -22.93
C LEU A 59 24.92 7.05 -23.22
N ASN A 60 25.29 6.41 -24.32
CA ASN A 60 26.72 6.23 -24.65
C ASN A 60 27.12 6.89 -25.95
N CYS A 61 26.24 7.71 -26.47
CA CYS A 61 26.43 8.38 -27.74
CA CYS A 61 26.52 8.38 -27.71
C CYS A 61 26.64 9.87 -27.48
N ARG A 62 27.78 10.43 -27.90
CA ARG A 62 28.02 11.87 -27.82
C ARG A 62 26.89 12.56 -28.58
N VAL A 63 26.30 13.60 -28.00
CA VAL A 63 25.31 14.40 -28.73
C VAL A 63 25.69 15.87 -28.80
N GLY A 64 25.67 16.43 -30.01
CA GLY A 64 25.96 17.85 -30.20
C GLY A 64 27.45 18.20 -30.13
N GLU A 65 27.75 19.46 -30.45
CA GLU A 65 29.12 19.98 -30.36
C GLU A 65 29.56 20.15 -28.90
N VAL A 66 30.87 20.26 -28.72
CA VAL A 66 31.48 20.61 -27.44
C VAL A 66 31.28 22.11 -27.18
N PHE A 67 30.91 22.45 -25.94
CA PHE A 67 30.84 23.86 -25.52
C PHE A 67 32.15 24.23 -24.83
N HIS A 68 32.68 25.40 -25.12
CA HIS A 68 33.84 25.89 -24.34
C HIS A 68 33.47 27.15 -23.56
N CYS A 69 33.95 27.22 -22.32
CA CYS A 69 33.56 28.30 -21.41
C CYS A 69 34.71 29.26 -21.10
N ASN A 70 34.53 30.55 -21.38
CA ASN A 70 35.45 31.56 -20.85
C ASN A 70 34.84 32.45 -19.75
N ASN A 71 33.53 32.72 -19.85
CA ASN A 71 32.80 33.36 -18.76
C ASN A 71 32.82 32.46 -17.51
N ASN A 72 33.14 33.03 -16.35
CA ASN A 72 33.27 32.29 -15.08
C ASN A 72 31.99 31.64 -14.57
N SER A 73 30.88 32.07 -15.13
CA SER A 73 29.60 31.51 -14.76
C SER A 73 28.98 30.91 -16.03
N VAL A 74 28.77 29.59 -16.03
CA VAL A 74 28.07 29.00 -17.17
C VAL A 74 26.82 28.23 -16.74
N ILE A 75 25.83 28.23 -17.61
CA ILE A 75 24.62 27.50 -17.35
C ILE A 75 24.51 26.42 -18.39
N VAL A 76 24.18 25.21 -17.96
CA VAL A 76 23.79 24.20 -18.92
C VAL A 76 22.32 23.91 -18.69
N ASP A 77 21.47 24.33 -19.63
CA ASP A 77 20.05 24.15 -19.43
C ASP A 77 19.46 23.28 -20.53
N GLY A 78 18.15 23.07 -20.47
CA GLY A 78 17.46 22.27 -21.46
C GLY A 78 16.69 23.01 -22.54
N PHE A 79 16.96 24.30 -22.69
CA PHE A 79 16.27 25.15 -23.69
C PHE A 79 17.01 25.20 -25.03
N THR A 80 16.70 26.19 -25.86
CA THR A 80 16.99 26.06 -27.28
C THR A 80 17.81 27.17 -27.94
N ASN A 81 18.54 27.95 -27.15
CA ASN A 81 19.39 29.00 -27.70
C ASN A 81 20.73 28.46 -28.21
N PRO A 82 21.06 28.73 -29.49
CA PRO A 82 22.30 28.28 -30.13
C PRO A 82 23.55 29.17 -29.92
N SER A 83 23.42 30.32 -29.29
CA SER A 83 24.56 31.22 -29.12
C SER A 83 25.72 30.54 -28.39
N ASN A 84 26.82 30.33 -29.11
CA ASN A 84 28.06 29.80 -28.52
C ASN A 84 28.71 30.87 -27.66
N ASN A 85 28.39 32.12 -27.99
CA ASN A 85 28.78 33.26 -27.20
C ASN A 85 28.15 33.20 -25.81
N SER A 86 27.04 33.92 -25.61
CA SER A 86 26.27 33.93 -24.36
C SER A 86 26.92 33.23 -23.13
N ASP A 87 27.17 31.94 -23.28
CA ASP A 87 27.74 31.09 -22.25
C ASP A 87 26.63 30.46 -21.43
N ARG A 88 25.51 30.29 -22.15
CA ARG A 88 24.50 29.29 -21.85
C ARG A 88 24.83 28.15 -22.78
N CYS A 89 24.97 26.95 -22.21
CA CYS A 89 25.05 25.75 -23.01
C CYS A 89 23.66 25.12 -23.04
N CYS A 90 22.99 25.27 -24.18
CA CYS A 90 21.59 24.89 -24.31
C CYS A 90 21.34 23.52 -24.91
N LEU A 91 21.04 22.55 -24.06
CA LEU A 91 20.90 21.15 -24.48
C LEU A 91 19.66 20.87 -25.31
N GLY A 92 18.67 21.74 -25.18
CA GLY A 92 17.36 21.45 -25.74
C GLY A 92 17.33 21.45 -27.26
N GLN A 93 18.32 22.10 -27.87
CA GLN A 93 18.38 22.20 -29.32
C GLN A 93 19.44 21.25 -29.90
N LEU A 94 19.84 20.26 -29.10
CA LEU A 94 20.66 19.20 -29.62
C LEU A 94 19.77 18.13 -30.21
N SER A 95 20.17 17.63 -31.36
CA SER A 95 19.33 16.69 -32.07
C SER A 95 19.80 15.24 -31.90
N ASN A 96 18.85 14.31 -32.04
CA ASN A 96 19.17 12.90 -32.02
C ASN A 96 18.00 12.06 -32.48
N VAL A 97 18.10 11.47 -33.68
CA VAL A 97 17.10 10.53 -34.17
C VAL A 97 17.07 9.20 -33.39
N ASN A 98 18.26 8.73 -32.98
CA ASN A 98 18.41 7.56 -32.08
C ASN A 98 17.74 7.71 -30.71
N ARG A 99 17.17 8.89 -30.47
CA ARG A 99 16.55 9.21 -29.20
C ARG A 99 15.37 8.27 -28.93
N ASN A 100 15.11 8.05 -27.65
CA ASN A 100 13.96 7.25 -27.23
C ASN A 100 13.11 8.02 -26.22
N SER A 101 11.97 7.43 -25.83
CA SER A 101 11.00 8.10 -24.98
C SER A 101 11.52 8.46 -23.60
N THR A 102 12.31 7.59 -22.99
CA THR A 102 12.79 7.88 -21.67
C THR A 102 13.81 9.03 -21.69
N ILE A 103 14.47 9.23 -22.83
CA ILE A 103 15.43 10.31 -22.99
C ILE A 103 14.71 11.62 -23.30
N GLU A 104 13.69 11.55 -24.13
CA GLU A 104 12.89 12.72 -24.45
C GLU A 104 12.24 13.30 -23.18
N ASN A 105 11.69 12.42 -22.35
CA ASN A 105 11.05 12.81 -21.10
C ASN A 105 12.04 13.50 -20.18
N THR A 106 13.21 12.91 -20.04
CA THR A 106 14.24 13.53 -19.22
C THR A 106 14.64 14.92 -19.73
N ARG A 107 14.74 15.08 -21.04
CA ARG A 107 15.21 16.32 -21.62
C ARG A 107 14.24 17.44 -21.31
N ARG A 108 13.00 17.06 -21.04
CA ARG A 108 11.95 18.02 -20.76
C ARG A 108 11.88 18.38 -19.29
N HIS A 109 12.82 17.90 -18.48
CA HIS A 109 12.81 18.17 -17.05
C HIS A 109 14.16 18.77 -16.61
N ILE A 110 15.09 18.86 -17.56
CA ILE A 110 16.35 19.55 -17.33
C ILE A 110 16.05 21.01 -17.02
N GLY A 111 15.20 21.62 -17.85
CA GLY A 111 14.85 23.01 -17.67
C GLY A 111 16.05 23.87 -17.37
N LYS A 112 16.03 24.52 -16.21
CA LYS A 112 17.06 25.50 -15.83
C LYS A 112 18.46 24.89 -15.71
N GLY A 113 18.52 23.59 -15.49
CA GLY A 113 19.76 22.84 -15.56
C GLY A 113 20.75 23.03 -14.41
N VAL A 114 22.00 23.27 -14.77
CA VAL A 114 23.07 23.40 -13.80
C VAL A 114 23.83 24.69 -14.05
N HIS A 115 24.20 25.32 -12.96
CA HIS A 115 25.01 26.49 -13.05
C HIS A 115 26.36 26.09 -12.50
N LEU A 116 27.41 26.35 -13.27
CA LEU A 116 28.78 26.00 -12.88
C LEU A 116 29.61 27.25 -12.70
N TYR A 117 30.04 27.49 -11.48
CA TYR A 117 30.68 28.74 -11.14
C TYR A 117 32.16 28.51 -10.89
N TYR A 118 32.99 29.14 -11.69
CA TYR A 118 34.44 29.11 -11.48
C TYR A 118 34.85 30.39 -10.77
N VAL A 119 35.46 30.23 -9.61
CA VAL A 119 35.85 31.37 -8.81
C VAL A 119 37.17 31.05 -8.11
N THR A 120 38.16 31.93 -8.28
CA THR A 120 39.52 31.65 -7.84
C THR A 120 39.94 30.27 -8.39
N GLY A 121 40.19 29.32 -7.51
CA GLY A 121 40.59 27.99 -7.93
C GLY A 121 39.48 26.96 -7.87
N GLU A 122 38.37 27.34 -7.25
CA GLU A 122 37.29 26.41 -6.95
C GLU A 122 36.21 26.44 -8.02
N VAL A 123 35.51 25.32 -8.18
CA VAL A 123 34.31 25.33 -8.99
C VAL A 123 33.18 24.70 -8.22
N TYR A 124 32.05 25.40 -8.21
CA TYR A 124 30.88 24.95 -7.49
C TYR A 124 29.84 24.60 -8.53
N ALA A 125 28.97 23.63 -8.25
CA ALA A 125 27.84 23.37 -9.15
C ALA A 125 26.51 23.55 -8.42
N GLU A 126 25.58 24.27 -9.07
CA GLU A 126 24.29 24.58 -8.48
C GLU A 126 23.17 23.98 -9.31
N CYS A 127 22.27 23.26 -8.65
CA CYS A 127 21.15 22.66 -9.35
C CYS A 127 19.98 23.65 -9.52
N LEU A 128 19.89 24.28 -10.68
CA LEU A 128 18.77 25.17 -10.99
C LEU A 128 17.57 24.40 -11.51
N SER A 129 17.78 23.21 -12.01
CA SER A 129 16.69 22.42 -12.58
C SER A 129 15.70 22.12 -11.49
N ASP A 130 14.47 21.77 -11.87
CA ASP A 130 13.48 21.33 -10.89
C ASP A 130 13.69 19.89 -10.43
N SER A 131 14.55 19.17 -11.17
CA SER A 131 14.96 17.84 -10.81
C SER A 131 16.42 17.89 -10.42
N ALA A 132 16.89 16.88 -9.70
CA ALA A 132 18.26 16.87 -9.21
C ALA A 132 19.25 16.56 -10.32
N ILE A 133 20.50 16.93 -10.09
CA ILE A 133 21.60 16.52 -10.96
C ILE A 133 22.45 15.63 -10.08
N PHE A 134 23.32 14.83 -10.70
CA PHE A 134 24.18 13.89 -9.97
C PHE A 134 25.61 14.04 -10.44
N VAL A 135 26.53 14.27 -9.53
CA VAL A 135 27.89 14.56 -9.92
C VAL A 135 28.86 13.49 -9.47
N GLN A 136 29.75 13.12 -10.38
CA GLN A 136 30.84 12.25 -10.01
C GLN A 136 32.12 13.00 -10.22
N SER A 137 32.70 13.50 -9.14
CA SER A 137 33.94 14.26 -9.21
C SER A 137 34.98 13.59 -8.32
N ARG A 138 36.04 13.07 -8.92
CA ARG A 138 37.06 12.41 -8.13
C ARG A 138 37.72 13.36 -7.15
N ASN A 139 37.85 14.63 -7.55
CA ASN A 139 38.46 15.61 -6.65
C ASN A 139 37.56 15.94 -5.46
N CYS A 140 36.26 15.96 -5.71
CA CYS A 140 35.29 16.23 -4.66
C CYS A 140 35.17 15.02 -3.73
N ASN A 141 35.16 13.82 -4.30
CA ASN A 141 35.16 12.57 -3.54
C ASN A 141 36.40 12.44 -2.65
N TYR A 142 37.45 13.18 -2.99
CA TYR A 142 38.68 13.18 -2.22
C TYR A 142 38.61 14.30 -1.20
N GLN A 143 38.37 15.52 -1.67
CA GLN A 143 38.25 16.71 -0.82
C GLN A 143 37.35 16.43 0.39
N HIS A 144 36.42 15.50 0.21
CA HIS A 144 35.65 14.99 1.31
C HIS A 144 36.39 13.78 1.83
N GLY A 145 35.77 12.61 1.66
CA GLY A 145 36.40 11.36 2.05
C GLY A 145 35.75 10.15 1.42
N PHE A 146 35.12 10.35 0.27
CA PHE A 146 34.37 9.25 -0.35
C PHE A 146 35.22 8.40 -1.28
N HIS A 147 34.66 7.26 -1.63
CA HIS A 147 35.21 6.41 -2.67
C HIS A 147 35.27 7.19 -3.98
N PRO A 148 36.31 6.96 -4.79
CA PRO A 148 36.50 7.69 -6.05
C PRO A 148 35.32 7.60 -7.02
N SER A 149 34.49 6.57 -6.89
CA SER A 149 33.38 6.37 -7.81
C SER A 149 32.07 6.90 -7.23
N THR A 150 32.16 7.52 -6.06
CA THR A 150 31.01 8.11 -5.40
C THR A 150 30.27 9.11 -6.30
N VAL A 151 28.97 8.89 -6.45
CA VAL A 151 28.12 9.82 -7.18
C VAL A 151 27.27 10.57 -6.16
N CYS A 152 27.41 11.89 -6.14
CA CYS A 152 26.69 12.74 -5.19
C CYS A 152 25.47 13.40 -5.84
N LYS A 153 24.41 13.59 -5.07
CA LYS A 153 23.24 14.30 -5.55
C LYS A 153 23.29 15.79 -5.17
N ILE A 154 22.94 16.65 -6.10
CA ILE A 154 22.74 18.06 -5.79
C ILE A 154 21.27 18.33 -6.05
N PRO A 155 20.45 18.24 -4.99
CA PRO A 155 19.01 18.44 -5.17
C PRO A 155 18.73 19.87 -5.65
N PRO A 156 17.52 20.13 -6.17
CA PRO A 156 17.20 21.48 -6.69
C PRO A 156 17.42 22.59 -5.67
N GLY A 157 18.13 23.64 -6.08
CA GLY A 157 18.36 24.78 -5.20
C GLY A 157 19.66 24.66 -4.44
N CYS A 158 20.26 23.47 -4.48
CA CYS A 158 21.49 23.21 -3.73
C CYS A 158 22.77 23.57 -4.46
N SER A 159 23.89 23.39 -3.76
CA SER A 159 25.19 23.79 -4.24
C SER A 159 26.27 22.84 -3.70
N LEU A 160 27.43 22.83 -4.36
CA LEU A 160 28.48 21.89 -4.02
C LEU A 160 29.81 22.26 -4.69
N LYS A 161 30.88 22.33 -3.92
CA LYS A 161 32.19 22.52 -4.50
C LYS A 161 32.61 21.18 -5.10
N ILE A 162 32.77 21.13 -6.42
CA ILE A 162 33.07 19.86 -7.07
C ILE A 162 34.54 19.74 -7.44
N PHE A 163 35.25 20.86 -7.38
CA PHE A 163 36.69 20.83 -7.62
C PHE A 163 37.35 21.85 -6.72
N ASN A 164 38.42 21.41 -6.10
CA ASN A 164 39.22 22.20 -5.19
C ASN A 164 40.60 22.34 -5.80
N ASN A 165 40.93 23.54 -6.26
CA ASN A 165 42.18 23.68 -6.99
C ASN A 165 43.38 23.50 -6.09
N GLN A 166 43.19 23.71 -4.79
CA GLN A 166 44.25 23.47 -3.82
C GLN A 166 44.43 21.98 -3.58
N GLU A 167 43.39 21.35 -3.04
CA GLU A 167 43.37 19.90 -2.79
C GLU A 167 43.97 19.12 -3.97
N PHE A 168 43.60 19.50 -5.19
CA PHE A 168 44.21 18.94 -6.39
C PHE A 168 45.71 19.19 -6.41
N ALA A 169 46.11 20.44 -6.21
CA ALA A 169 47.51 20.84 -6.24
C ALA A 169 48.41 19.97 -5.36
N GLN A 170 47.89 19.56 -4.20
CA GLN A 170 48.60 18.64 -3.33
C GLN A 170 48.88 17.34 -4.07
N LEU A 171 47.81 16.54 -4.21
CA LEU A 171 47.81 15.29 -4.97
C LEU A 171 48.85 15.31 -6.05
N LEU A 172 48.89 16.39 -6.81
CA LEU A 172 49.86 16.55 -7.87
C LEU A 172 51.26 16.30 -7.32
N SER A 173 51.68 17.12 -6.36
CA SER A 173 53.03 17.02 -5.80
C SER A 173 53.26 15.72 -5.04
N GLN A 174 52.27 15.30 -4.27
CA GLN A 174 52.39 14.07 -3.50
C GLN A 174 52.65 12.89 -4.42
N SER A 175 52.02 12.91 -5.59
CA SER A 175 52.05 11.77 -6.50
C SER A 175 53.10 11.90 -7.61
N VAL A 176 54.00 12.87 -7.46
CA VAL A 176 55.10 13.02 -8.40
C VAL A 176 56.17 11.99 -8.08
N ASN A 177 56.69 12.08 -6.87
CA ASN A 177 57.60 11.08 -6.34
C ASN A 177 56.80 9.89 -5.79
N ASN A 178 55.92 9.37 -6.63
CA ASN A 178 55.03 8.28 -6.27
C ASN A 178 54.84 7.41 -7.50
N GLY A 179 55.48 7.81 -8.60
CA GLY A 179 55.36 7.09 -9.85
C GLY A 179 55.06 8.04 -10.98
N PHE A 180 55.01 7.51 -12.20
CA PHE A 180 54.59 8.28 -13.36
C PHE A 180 53.13 8.02 -13.61
N GLU A 181 52.80 6.74 -13.73
CA GLU A 181 51.41 6.31 -13.84
C GLU A 181 50.61 6.85 -12.66
N ALA A 182 51.31 7.23 -11.59
CA ALA A 182 50.69 7.85 -10.45
C ALA A 182 50.08 9.18 -10.87
N VAL A 183 50.89 9.99 -11.55
CA VAL A 183 50.44 11.28 -12.04
C VAL A 183 49.60 11.18 -13.32
N TYR A 184 49.73 10.08 -14.06
CA TYR A 184 48.90 9.92 -15.24
C TYR A 184 47.44 9.77 -14.83
N GLU A 185 47.21 9.08 -13.73
CA GLU A 185 45.87 8.85 -13.26
C GLU A 185 45.16 10.13 -12.82
N LEU A 186 45.95 11.12 -12.39
CA LEU A 186 45.37 12.39 -11.99
C LEU A 186 44.58 12.98 -13.16
N THR A 187 45.02 12.63 -14.36
CA THR A 187 44.30 12.96 -15.57
C THR A 187 42.80 12.68 -15.39
N LYS A 188 42.47 11.65 -14.61
CA LYS A 188 41.08 11.29 -14.39
C LYS A 188 40.34 12.29 -13.50
N MET A 189 41.09 13.09 -12.77
CA MET A 189 40.51 14.03 -11.80
C MET A 189 39.96 15.32 -12.43
N CYS A 190 40.45 15.61 -13.63
CA CYS A 190 40.17 16.87 -14.32
C CYS A 190 38.93 16.78 -15.19
N THR A 191 38.30 15.62 -15.16
CA THR A 191 37.01 15.42 -15.80
C THR A 191 35.96 15.14 -14.75
N ILE A 192 34.80 15.75 -14.94
CA ILE A 192 33.69 15.58 -14.02
C ILE A 192 32.48 15.19 -14.85
N ARG A 193 31.78 14.15 -14.40
CA ARG A 193 30.60 13.67 -15.08
C ARG A 193 29.37 13.99 -14.25
N MET A 194 28.31 14.38 -14.94
CA MET A 194 27.15 14.89 -14.27
C MET A 194 25.87 14.46 -15.00
N SER A 195 24.90 13.95 -14.24
CA SER A 195 23.65 13.45 -14.81
C SER A 195 22.45 14.32 -14.43
N PHE A 196 21.50 14.45 -15.35
CA PHE A 196 20.30 15.19 -15.08
C PHE A 196 19.16 14.23 -14.74
N VAL A 197 18.58 14.41 -13.55
CA VAL A 197 17.33 13.75 -13.15
C VAL A 197 17.56 12.32 -12.65
N LYS A 198 17.74 11.38 -13.59
CA LYS A 198 18.07 10.00 -13.23
C LYS A 198 19.46 9.92 -12.59
N GLY A 199 19.58 9.20 -11.50
CA GLY A 199 20.86 9.06 -10.82
C GLY A 199 21.46 7.75 -11.27
N TRP A 200 22.69 7.46 -10.82
CA TRP A 200 23.37 6.21 -11.22
C TRP A 200 24.28 5.68 -10.13
N GLY A 201 24.56 4.39 -10.18
CA GLY A 201 25.36 3.72 -9.16
C GLY A 201 24.61 3.20 -7.94
N ALA A 202 25.30 3.24 -6.81
CA ALA A 202 24.78 2.75 -5.53
C ALA A 202 23.44 3.38 -5.20
N GLU A 203 22.43 2.53 -5.06
CA GLU A 203 21.06 2.93 -4.72
C GLU A 203 20.13 3.11 -5.93
N TYR A 204 20.66 2.93 -7.14
CA TYR A 204 19.83 2.93 -8.34
C TYR A 204 20.07 1.67 -9.15
N HIS A 205 19.25 1.50 -10.16
CA HIS A 205 19.37 0.38 -11.07
C HIS A 205 20.53 0.69 -12.04
N ARG A 206 20.59 1.94 -12.48
CA ARG A 206 21.65 2.41 -13.36
C ARG A 206 22.99 2.35 -12.63
N GLN A 207 23.94 1.61 -13.20
CA GLN A 207 25.22 1.41 -12.55
C GLN A 207 26.32 2.26 -13.19
N ASP A 208 26.12 2.61 -14.45
CA ASP A 208 27.09 3.39 -15.21
C ASP A 208 26.47 4.67 -15.69
N VAL A 209 27.26 5.74 -15.77
CA VAL A 209 26.71 7.02 -16.24
C VAL A 209 26.21 6.85 -17.66
N THR A 210 26.81 5.92 -18.40
CA THR A 210 26.42 5.65 -19.78
C THR A 210 25.01 5.07 -19.84
N SER A 211 24.50 4.69 -18.68
CA SER A 211 23.13 4.20 -18.55
C SER A 211 22.12 5.33 -18.39
N THR A 212 22.58 6.53 -18.00
CA THR A 212 21.70 7.67 -17.80
C THR A 212 21.39 8.35 -19.14
N PRO A 213 20.15 8.89 -19.27
CA PRO A 213 19.66 9.40 -20.55
C PRO A 213 20.28 10.74 -20.96
N CYS A 214 20.57 11.58 -19.98
CA CYS A 214 21.09 12.91 -20.25
C CYS A 214 22.20 13.23 -19.28
N TRP A 215 23.41 13.41 -19.80
CA TRP A 215 24.55 13.72 -18.97
C TRP A 215 25.66 14.44 -19.74
N ILE A 216 26.50 15.14 -18.98
CA ILE A 216 27.57 15.94 -19.54
C ILE A 216 28.93 15.56 -18.98
N GLU A 217 29.98 15.95 -19.71
CA GLU A 217 31.33 15.65 -19.30
C GLU A 217 32.06 16.97 -19.32
N ILE A 218 32.63 17.33 -18.18
CA ILE A 218 33.27 18.63 -18.01
C ILE A 218 34.76 18.50 -17.84
N HIS A 219 35.52 19.10 -18.76
CA HIS A 219 36.96 19.11 -18.64
C HIS A 219 37.48 20.43 -18.09
N LEU A 220 38.23 20.36 -16.99
CA LEU A 220 38.78 21.54 -16.34
C LEU A 220 40.17 21.82 -16.88
N HIS A 221 40.28 22.85 -17.72
CA HIS A 221 41.52 23.13 -18.44
C HIS A 221 42.60 23.70 -17.56
N GLY A 222 42.24 24.34 -16.46
CA GLY A 222 43.23 24.80 -15.51
C GLY A 222 44.13 23.66 -15.09
N PRO A 223 43.58 22.68 -14.37
CA PRO A 223 44.24 21.46 -13.88
C PRO A 223 45.05 20.72 -14.95
N LEU A 224 44.42 20.47 -16.10
CA LEU A 224 45.03 19.74 -17.22
C LEU A 224 46.35 20.36 -17.68
N GLN A 225 46.39 21.68 -17.71
CA GLN A 225 47.58 22.39 -18.11
C GLN A 225 48.73 22.19 -17.11
N TRP A 226 48.42 22.23 -15.81
CA TRP A 226 49.42 22.04 -14.77
C TRP A 226 49.91 20.62 -14.74
N LEU A 227 48.96 19.71 -14.90
CA LEU A 227 49.24 18.29 -15.06
C LEU A 227 50.16 18.06 -16.25
N ASP A 228 49.86 18.70 -17.36
CA ASP A 228 50.68 18.60 -18.56
C ASP A 228 52.10 19.04 -18.28
N LYS A 229 52.26 20.18 -17.60
CA LYS A 229 53.60 20.67 -17.25
C LYS A 229 54.41 19.58 -16.56
N VAL A 230 53.77 18.87 -15.65
CA VAL A 230 54.42 17.80 -14.90
C VAL A 230 54.76 16.55 -15.74
N LEU A 231 53.79 16.06 -16.50
CA LEU A 231 53.98 14.81 -17.27
C LEU A 231 55.08 14.91 -18.31
N THR A 232 55.17 16.05 -19.00
CA THR A 232 56.19 16.22 -20.04
C THR A 232 57.60 16.14 -19.49
N GLN A 233 57.73 16.21 -18.16
CA GLN A 233 59.01 15.96 -17.50
C GLN A 233 58.90 14.70 -16.68
N MET A 234 58.98 13.54 -17.35
CA MET A 234 58.98 12.26 -16.69
C MET A 234 59.27 11.16 -17.70
N GLY A 235 58.96 9.93 -17.36
CA GLY A 235 59.28 8.81 -18.23
C GLY A 235 58.20 7.76 -18.25
N SER A 236 58.05 7.10 -19.40
CA SER A 236 57.04 6.07 -19.61
C SER A 236 57.02 5.01 -18.51
N PRO A 237 55.92 4.23 -18.42
CA PRO A 237 55.77 3.20 -17.37
C PRO A 237 56.84 2.11 -17.45
N HIS A 238 56.88 1.25 -16.43
CA HIS A 238 57.79 0.11 -16.45
C HIS A 238 57.45 -0.82 -17.60
N ASN A 239 56.68 -1.87 -17.31
CA ASN A 239 56.39 -2.93 -18.28
C ASN A 239 56.09 -2.31 -19.64
N ALA A 240 57.11 -2.29 -20.52
CA ALA A 240 56.92 -1.75 -21.85
C ALA A 240 55.73 -2.46 -22.46
N ILE A 241 55.42 -2.13 -23.71
CA ILE A 241 54.14 -2.51 -24.27
C ILE A 241 54.31 -3.28 -25.58
N SER A 242 53.54 -4.37 -25.75
CA SER A 242 53.64 -5.13 -26.99
C SER A 242 52.92 -4.41 -28.11
N SER A 243 53.39 -4.61 -29.34
CA SER A 243 52.78 -3.96 -30.48
C SER A 243 51.82 -4.90 -31.18
N VAL A 244 51.82 -6.16 -30.72
CA VAL A 244 51.01 -7.18 -31.36
C VAL A 244 49.77 -7.53 -30.55
N SER A 245 49.95 -7.72 -29.25
CA SER A 245 48.81 -8.02 -28.38
C SER A 245 47.98 -6.78 -28.23
N GLU B 47 -24.70 -22.52 -7.96
CA GLU B 47 -25.59 -21.38 -7.78
C GLU B 47 -24.83 -20.06 -7.59
N PRO B 48 -24.00 -19.97 -6.51
CA PRO B 48 -23.26 -18.73 -6.22
C PRO B 48 -21.84 -18.70 -6.81
N ALA B 49 -21.34 -17.49 -6.99
CA ALA B 49 -19.99 -17.28 -7.47
C ALA B 49 -19.03 -18.19 -6.72
N PHE B 50 -19.17 -18.16 -5.40
CA PHE B 50 -18.35 -18.94 -4.50
C PHE B 50 -19.22 -19.72 -3.53
N TRP B 51 -18.76 -20.90 -3.12
CA TRP B 51 -19.55 -21.74 -2.24
C TRP B 51 -19.38 -21.32 -0.79
N ALA B 52 -18.23 -20.73 -0.49
CA ALA B 52 -17.97 -20.15 0.81
C ALA B 52 -16.91 -19.06 0.77
N SER B 53 -16.83 -18.27 1.83
CA SER B 53 -15.78 -17.28 1.97
C SER B 53 -15.24 -17.26 3.39
N ILE B 54 -13.94 -17.05 3.52
CA ILE B 54 -13.25 -17.21 4.78
C ILE B 54 -12.56 -15.94 5.28
N ALA B 55 -12.81 -15.59 6.53
CA ALA B 55 -12.14 -14.46 7.17
C ALA B 55 -11.22 -14.92 8.31
N TYR B 56 -10.03 -14.35 8.37
CA TYR B 56 -9.06 -14.74 9.38
C TYR B 56 -8.98 -13.71 10.50
N TYR B 57 -8.92 -14.21 11.74
CA TYR B 57 -8.70 -13.37 12.90
C TYR B 57 -7.58 -13.86 13.81
N GLU B 58 -6.95 -12.91 14.46
CA GLU B 58 -6.12 -13.19 15.61
C GLU B 58 -6.75 -12.47 16.80
N LEU B 59 -7.22 -13.25 17.77
CA LEU B 59 -7.98 -12.72 18.89
C LEU B 59 -9.21 -12.03 18.32
N ASN B 60 -9.54 -10.81 18.72
CA ASN B 60 -10.72 -10.18 18.11
C ASN B 60 -10.40 -9.03 17.18
N CYS B 61 -9.40 -9.27 16.34
CA CYS B 61 -8.95 -8.33 15.33
CA CYS B 61 -9.03 -8.33 15.32
C CYS B 61 -8.88 -9.07 14.00
N ARG B 62 -9.64 -8.62 13.00
CA ARG B 62 -9.54 -9.21 11.66
C ARG B 62 -8.11 -9.08 11.17
N VAL B 63 -7.63 -10.11 10.49
CA VAL B 63 -6.29 -10.08 9.94
C VAL B 63 -6.28 -10.57 8.49
N GLY B 64 -5.78 -9.70 7.61
CA GLY B 64 -5.67 -9.98 6.18
C GLY B 64 -6.98 -9.88 5.43
N GLU B 65 -6.92 -10.07 4.11
CA GLU B 65 -8.12 -10.04 3.28
C GLU B 65 -8.94 -11.31 3.36
N VAL B 66 -10.21 -11.19 2.98
CA VAL B 66 -11.13 -12.32 2.95
C VAL B 66 -10.75 -13.28 1.81
N PHE B 67 -11.03 -14.56 2.00
CA PHE B 67 -10.81 -15.54 0.95
C PHE B 67 -12.13 -15.93 0.30
N HIS B 68 -12.15 -16.01 -1.01
CA HIS B 68 -13.33 -16.46 -1.72
C HIS B 68 -13.06 -17.77 -2.45
N CYS B 69 -13.85 -18.79 -2.17
CA CYS B 69 -13.56 -20.14 -2.64
C CYS B 69 -14.26 -20.50 -3.95
N ASN B 70 -13.49 -20.79 -4.99
CA ASN B 70 -14.05 -21.08 -6.32
C ASN B 70 -14.21 -22.58 -6.62
N ASN B 71 -13.43 -23.41 -5.93
CA ASN B 71 -13.54 -24.85 -6.07
C ASN B 71 -14.19 -25.51 -4.86
N ASN B 72 -14.64 -26.75 -5.04
CA ASN B 72 -15.34 -27.49 -3.98
C ASN B 72 -14.40 -28.04 -2.91
N SER B 73 -13.10 -27.91 -3.15
CA SER B 73 -12.09 -28.34 -2.20
C SER B 73 -11.08 -27.23 -1.99
N VAL B 74 -11.13 -26.60 -0.81
CA VAL B 74 -10.17 -25.56 -0.46
C VAL B 74 -9.32 -25.96 0.75
N ILE B 75 -8.18 -25.32 0.88
CA ILE B 75 -7.29 -25.57 2.00
C ILE B 75 -6.83 -24.28 2.63
N VAL B 76 -6.96 -24.20 3.94
CA VAL B 76 -6.45 -23.07 4.67
C VAL B 76 -5.25 -23.58 5.40
N ASP B 77 -4.11 -22.91 5.29
CA ASP B 77 -2.92 -23.39 5.99
C ASP B 77 -2.05 -22.27 6.54
N GLY B 78 -0.93 -22.66 7.18
CA GLY B 78 -0.06 -21.71 7.85
C GLY B 78 1.08 -21.17 6.99
N PHE B 79 1.07 -21.50 5.70
CA PHE B 79 2.18 -21.15 4.79
C PHE B 79 2.04 -19.79 4.07
N THR B 80 2.93 -19.52 3.12
CA THR B 80 3.12 -18.17 2.60
C THR B 80 2.81 -17.90 1.11
N ASN B 81 2.04 -18.76 0.46
CA ASN B 81 1.69 -18.59 -0.95
C ASN B 81 0.61 -17.52 -1.17
N PRO B 82 0.99 -16.37 -1.79
CA PRO B 82 0.08 -15.23 -1.88
C PRO B 82 -0.99 -15.44 -2.93
N SER B 83 -0.81 -16.45 -3.77
CA SER B 83 -1.76 -16.76 -4.84
C SER B 83 -3.15 -17.09 -4.29
N ASN B 84 -4.04 -16.11 -4.34
CA ASN B 84 -5.46 -16.35 -4.04
C ASN B 84 -6.12 -16.99 -5.24
N ASN B 85 -5.48 -16.80 -6.39
CA ASN B 85 -5.91 -17.40 -7.65
C ASN B 85 -6.29 -18.86 -7.41
N SER B 86 -5.39 -19.56 -6.72
CA SER B 86 -5.55 -20.97 -6.41
C SER B 86 -6.74 -21.25 -5.50
N ASP B 87 -6.58 -22.29 -4.69
CA ASP B 87 -7.58 -22.65 -3.70
C ASP B 87 -6.89 -22.94 -2.37
N ARG B 88 -5.72 -22.32 -2.20
CA ARG B 88 -4.94 -22.38 -0.96
C ARG B 88 -4.99 -21.06 -0.21
N CYS B 89 -5.60 -21.08 0.97
CA CYS B 89 -5.69 -19.90 1.80
C CYS B 89 -4.57 -19.90 2.84
N CYS B 90 -3.43 -19.33 2.45
CA CYS B 90 -2.23 -19.33 3.30
C CYS B 90 -2.22 -18.21 4.32
N LEU B 91 -2.17 -18.58 5.60
CA LEU B 91 -2.24 -17.63 6.70
C LEU B 91 -0.86 -17.09 7.08
N GLY B 92 0.18 -17.73 6.58
CA GLY B 92 1.52 -17.46 7.03
C GLY B 92 1.97 -16.07 6.61
N GLN B 93 1.48 -15.65 5.45
CA GLN B 93 1.83 -14.37 4.86
C GLN B 93 1.17 -13.20 5.59
N LEU B 94 -0.09 -13.39 5.97
CA LEU B 94 -0.89 -12.34 6.61
C LEU B 94 -0.16 -11.70 7.78
N SER B 95 -0.07 -10.38 7.76
CA SER B 95 0.67 -9.64 8.78
C SER B 95 -0.23 -9.01 9.85
N ASN B 96 0.35 -8.84 11.02
CA ASN B 96 -0.30 -8.20 12.13
C ASN B 96 0.82 -7.72 13.04
N VAL B 97 1.05 -6.43 13.07
CA VAL B 97 2.16 -5.92 13.87
C VAL B 97 1.82 -6.11 15.35
N ASN B 98 0.52 -6.09 15.64
CA ASN B 98 -0.01 -6.29 16.99
C ASN B 98 0.33 -7.68 17.57
N ARG B 99 0.50 -8.65 16.68
CA ARG B 99 0.86 -10.04 17.01
C ARG B 99 1.71 -10.21 18.27
N ASN B 100 1.21 -11.01 19.21
CA ASN B 100 1.98 -11.32 20.41
C ASN B 100 2.68 -12.68 20.32
N SER B 101 3.51 -12.95 21.31
CA SER B 101 4.35 -14.14 21.35
C SER B 101 3.55 -15.42 21.09
N THR B 102 2.48 -15.60 21.85
CA THR B 102 1.68 -16.82 21.76
C THR B 102 0.98 -16.98 20.39
N ILE B 103 0.76 -15.87 19.71
CA ILE B 103 0.17 -15.91 18.37
C ILE B 103 1.20 -16.37 17.35
N GLU B 104 2.38 -15.76 17.41
CA GLU B 104 3.45 -16.15 16.49
C GLU B 104 3.68 -17.65 16.58
N ASN B 105 3.60 -18.16 17.80
CA ASN B 105 3.90 -19.55 18.11
C ASN B 105 2.87 -20.49 17.52
N THR B 106 1.60 -20.18 17.78
CA THR B 106 0.50 -20.98 17.28
C THR B 106 0.50 -21.02 15.77
N ARG B 107 0.80 -19.87 15.17
CA ARG B 107 0.83 -19.75 13.73
C ARG B 107 1.75 -20.80 13.12
N ARG B 108 2.87 -21.06 13.78
CA ARG B 108 3.85 -22.03 13.30
C ARG B 108 3.34 -23.46 13.37
N HIS B 109 2.31 -23.68 14.17
CA HIS B 109 1.77 -25.03 14.34
C HIS B 109 0.52 -25.25 13.52
N ILE B 110 0.04 -24.20 12.86
CA ILE B 110 -1.09 -24.38 11.96
C ILE B 110 -0.71 -25.40 10.90
N GLY B 111 0.49 -25.27 10.33
CA GLY B 111 1.00 -26.26 9.39
C GLY B 111 0.13 -26.45 8.18
N LYS B 112 -0.27 -27.70 7.90
CA LYS B 112 -1.07 -27.99 6.71
C LYS B 112 -2.52 -27.59 6.93
N GLY B 113 -2.79 -27.09 8.13
CA GLY B 113 -4.06 -26.48 8.49
C GLY B 113 -5.30 -27.35 8.32
N VAL B 114 -6.32 -26.80 7.68
CA VAL B 114 -7.58 -27.50 7.52
C VAL B 114 -7.93 -27.62 6.03
N HIS B 115 -8.45 -28.78 5.66
CA HIS B 115 -8.96 -29.00 4.33
C HIS B 115 -10.48 -28.94 4.41
N LEU B 116 -11.06 -28.08 3.58
CA LEU B 116 -12.51 -27.89 3.61
C LEU B 116 -13.11 -28.32 2.29
N TYR B 117 -14.10 -29.19 2.36
CA TYR B 117 -14.59 -29.85 1.18
C TYR B 117 -16.09 -29.72 1.07
N TYR B 118 -16.56 -29.33 -0.11
CA TYR B 118 -17.99 -29.20 -0.35
C TYR B 118 -18.50 -30.35 -1.19
N VAL B 119 -19.18 -31.30 -0.56
CA VAL B 119 -19.92 -32.33 -1.28
C VAL B 119 -21.38 -31.92 -1.30
N THR B 120 -22.18 -32.64 -2.09
CA THR B 120 -23.63 -32.41 -2.21
C THR B 120 -24.14 -31.20 -1.42
N GLY B 121 -24.84 -31.45 -0.32
CA GLY B 121 -25.21 -30.39 0.59
C GLY B 121 -24.20 -30.27 1.71
N GLU B 122 -23.46 -31.36 1.93
CA GLU B 122 -22.53 -31.49 3.04
C GLU B 122 -21.24 -30.70 2.84
N VAL B 123 -20.70 -30.18 3.94
CA VAL B 123 -19.36 -29.64 3.91
C VAL B 123 -18.59 -30.29 5.06
N TYR B 124 -17.33 -30.62 4.78
CA TYR B 124 -16.52 -31.39 5.69
C TYR B 124 -15.23 -30.64 5.98
N ALA B 125 -14.70 -30.82 7.19
CA ALA B 125 -13.40 -30.28 7.55
C ALA B 125 -12.45 -31.40 7.98
N GLU B 126 -11.33 -31.53 7.27
CA GLU B 126 -10.35 -32.54 7.63
C GLU B 126 -9.08 -31.87 8.17
N CYS B 127 -8.72 -32.20 9.40
CA CYS B 127 -7.56 -31.59 10.03
C CYS B 127 -6.25 -32.20 9.51
N LEU B 128 -5.38 -31.35 8.96
CA LEU B 128 -4.09 -31.79 8.44
C LEU B 128 -2.99 -31.18 9.32
N SER B 129 -3.36 -30.09 9.99
CA SER B 129 -2.52 -29.48 11.01
C SER B 129 -1.93 -30.62 11.83
N ASP B 130 -0.71 -30.45 12.32
CA ASP B 130 -0.19 -31.45 13.26
C ASP B 130 -0.87 -31.30 14.60
N SER B 131 -1.42 -30.11 14.85
CA SER B 131 -2.25 -29.89 16.02
C SER B 131 -3.69 -30.00 15.62
N ALA B 132 -4.58 -29.95 16.60
CA ALA B 132 -6.00 -30.09 16.33
C ALA B 132 -6.60 -28.80 15.83
N ILE B 133 -7.84 -28.89 15.36
CA ILE B 133 -8.66 -27.71 15.09
C ILE B 133 -9.97 -27.89 15.85
N PHE B 134 -10.61 -26.76 16.21
CA PHE B 134 -11.82 -26.78 17.00
C PHE B 134 -12.91 -26.02 16.28
N VAL B 135 -13.92 -26.74 15.82
CA VAL B 135 -15.00 -26.15 15.04
C VAL B 135 -16.24 -25.89 15.88
N GLN B 136 -16.90 -24.75 15.63
CA GLN B 136 -18.21 -24.46 16.21
C GLN B 136 -19.22 -24.23 15.09
N SER B 137 -19.96 -25.28 14.76
CA SER B 137 -20.92 -25.22 13.66
C SER B 137 -22.35 -25.40 14.15
N ARG B 138 -23.06 -24.29 14.38
CA ARG B 138 -24.39 -24.39 14.99
C ARG B 138 -25.25 -25.43 14.31
N ASN B 139 -25.08 -25.58 13.00
CA ASN B 139 -25.78 -26.59 12.23
C ASN B 139 -25.51 -27.99 12.78
N CYS B 140 -24.22 -28.31 12.88
CA CYS B 140 -23.76 -29.53 13.51
C CYS B 140 -24.29 -29.68 14.94
N ASN B 141 -24.01 -28.68 15.78
CA ASN B 141 -24.48 -28.70 17.17
C ASN B 141 -26.00 -28.67 17.26
N TYR B 142 -26.69 -29.01 16.18
CA TYR B 142 -28.14 -29.08 16.21
C TYR B 142 -28.61 -30.41 15.66
N GLN B 143 -27.99 -30.82 14.57
CA GLN B 143 -28.18 -32.13 13.97
C GLN B 143 -28.04 -33.20 15.04
N HIS B 144 -27.15 -32.95 15.99
CA HIS B 144 -26.79 -33.91 17.03
C HIS B 144 -27.36 -33.52 18.37
N GLY B 145 -28.12 -32.43 18.40
CA GLY B 145 -28.70 -31.95 19.65
C GLY B 145 -27.72 -31.49 20.72
N PHE B 146 -26.50 -31.13 20.34
CA PHE B 146 -25.56 -30.53 21.27
C PHE B 146 -26.01 -29.11 21.54
N HIS B 147 -25.63 -28.57 22.69
CA HIS B 147 -25.91 -27.17 22.93
C HIS B 147 -25.34 -26.33 21.78
N PRO B 148 -26.08 -25.31 21.33
CA PRO B 148 -25.59 -24.53 20.18
C PRO B 148 -24.13 -24.06 20.29
N SER B 149 -23.78 -23.38 21.37
CA SER B 149 -22.42 -22.83 21.48
C SER B 149 -21.33 -23.89 21.75
N THR B 150 -21.69 -25.15 21.59
CA THR B 150 -20.73 -26.25 21.73
C THR B 150 -19.55 -26.10 20.77
N VAL B 151 -18.39 -26.66 21.16
CA VAL B 151 -17.20 -26.66 20.31
C VAL B 151 -16.67 -28.09 20.13
N CYS B 152 -16.52 -28.55 18.88
CA CYS B 152 -16.06 -29.92 18.62
C CYS B 152 -14.63 -29.99 18.07
N LYS B 153 -13.77 -30.75 18.74
CA LYS B 153 -12.38 -30.87 18.32
C LYS B 153 -12.21 -31.89 17.20
N ILE B 154 -11.49 -31.50 16.15
CA ILE B 154 -11.11 -32.40 15.07
C ILE B 154 -9.61 -32.70 15.14
N PRO B 155 -9.27 -33.88 15.63
CA PRO B 155 -7.87 -34.29 15.84
C PRO B 155 -7.12 -34.46 14.53
N PRO B 156 -5.78 -34.29 14.57
CA PRO B 156 -4.98 -34.50 13.37
C PRO B 156 -5.40 -35.79 12.66
N GLY B 157 -5.30 -35.81 11.33
CA GLY B 157 -5.69 -36.98 10.56
C GLY B 157 -7.18 -37.25 10.51
N CYS B 158 -7.93 -36.58 11.38
CA CYS B 158 -9.37 -36.83 11.48
C CYS B 158 -10.22 -36.02 10.53
N SER B 159 -11.50 -36.32 10.51
CA SER B 159 -12.45 -35.64 9.64
C SER B 159 -13.75 -35.32 10.38
N LEU B 160 -14.61 -34.49 9.80
CA LEU B 160 -15.90 -34.15 10.42
C LEU B 160 -16.85 -33.38 9.48
N LYS B 161 -18.13 -33.72 9.52
CA LYS B 161 -19.13 -33.00 8.73
C LYS B 161 -19.60 -31.77 9.48
N ILE B 162 -19.29 -30.59 8.95
CA ILE B 162 -19.57 -29.34 9.65
C ILE B 162 -20.87 -28.66 9.20
N PHE B 163 -21.43 -29.10 8.08
CA PHE B 163 -22.70 -28.58 7.63
C PHE B 163 -23.44 -29.60 6.78
N ASN B 164 -24.70 -29.84 7.13
CA ASN B 164 -25.60 -30.68 6.35
C ASN B 164 -26.77 -29.85 5.80
N ASN B 165 -26.85 -29.76 4.48
CA ASN B 165 -27.89 -28.94 3.84
C ASN B 165 -29.29 -29.44 4.18
N GLN B 166 -29.45 -30.75 4.25
CA GLN B 166 -30.72 -31.34 4.62
C GLN B 166 -31.29 -30.70 5.88
N GLU B 167 -30.61 -30.94 6.99
CA GLU B 167 -31.02 -30.39 8.29
C GLU B 167 -31.40 -28.93 8.17
N PHE B 168 -30.58 -28.16 7.46
CA PHE B 168 -30.76 -26.73 7.31
C PHE B 168 -32.08 -26.39 6.62
N ALA B 169 -32.35 -27.08 5.51
CA ALA B 169 -33.56 -26.86 4.75
C ALA B 169 -34.80 -27.07 5.63
N GLN B 170 -34.88 -28.23 6.26
CA GLN B 170 -35.95 -28.51 7.20
C GLN B 170 -36.09 -27.32 8.13
N LEU B 171 -35.02 -27.03 8.86
CA LEU B 171 -35.00 -25.94 9.83
C LEU B 171 -35.42 -24.62 9.23
N LEU B 172 -35.01 -24.38 7.99
CA LEU B 172 -35.45 -23.21 7.27
C LEU B 172 -36.97 -23.21 7.26
N SER B 173 -37.55 -24.30 6.77
CA SER B 173 -39.01 -24.46 6.76
C SER B 173 -39.62 -24.34 8.14
N GLN B 174 -39.17 -25.17 9.07
CA GLN B 174 -39.76 -25.24 10.41
C GLN B 174 -39.89 -23.87 11.08
N SER B 175 -38.91 -23.00 10.83
CA SER B 175 -38.86 -21.70 11.48
C SER B 175 -39.71 -20.66 10.75
N VAL B 176 -40.22 -21.05 9.58
CA VAL B 176 -41.04 -20.15 8.78
C VAL B 176 -42.13 -19.51 9.64
N ASN B 177 -43.26 -20.18 9.83
CA ASN B 177 -44.35 -19.64 10.65
C ASN B 177 -44.00 -19.56 12.13
N ASN B 178 -42.70 -19.41 12.41
CA ASN B 178 -42.21 -19.14 13.75
C ASN B 178 -41.82 -17.67 13.96
N GLY B 179 -41.90 -16.88 12.90
CA GLY B 179 -41.70 -15.44 13.02
C GLY B 179 -40.46 -14.94 12.31
N PHE B 180 -40.31 -13.61 12.28
CA PHE B 180 -39.16 -13.00 11.61
C PHE B 180 -37.87 -13.45 12.28
N GLU B 181 -37.63 -12.98 13.50
CA GLU B 181 -36.40 -13.35 14.18
C GLU B 181 -36.14 -14.85 14.13
N ALA B 182 -37.20 -15.65 14.18
CA ALA B 182 -37.06 -17.10 14.18
C ALA B 182 -36.30 -17.61 12.96
N VAL B 183 -36.36 -16.85 11.87
CA VAL B 183 -35.60 -17.19 10.67
C VAL B 183 -34.37 -16.29 10.54
N TYR B 184 -34.47 -15.09 11.09
CA TYR B 184 -33.36 -14.15 11.03
C TYR B 184 -32.17 -14.71 11.80
N GLU B 185 -32.46 -15.47 12.85
CA GLU B 185 -31.40 -16.00 13.70
C GLU B 185 -30.74 -17.24 13.09
N LEU B 186 -31.18 -17.60 11.90
CA LEU B 186 -30.63 -18.75 11.20
C LEU B 186 -29.38 -18.37 10.43
N THR B 187 -29.08 -17.09 10.35
CA THR B 187 -27.90 -16.65 9.61
C THR B 187 -26.69 -17.17 10.35
N LYS B 188 -26.78 -17.15 11.68
CA LYS B 188 -25.74 -17.68 12.54
C LYS B 188 -25.44 -19.14 12.20
N MET B 189 -26.37 -19.81 11.52
CA MET B 189 -26.19 -21.20 11.13
C MET B 189 -25.30 -21.38 9.92
N CYS B 190 -25.24 -20.35 9.08
CA CYS B 190 -24.46 -20.38 7.84
C CYS B 190 -23.02 -19.97 8.09
N THR B 191 -22.74 -19.52 9.32
CA THR B 191 -21.39 -19.11 9.68
C THR B 191 -20.78 -20.09 10.65
N ILE B 192 -19.61 -20.58 10.28
CA ILE B 192 -18.89 -21.58 11.07
C ILE B 192 -17.52 -21.03 11.48
N ARG B 193 -17.25 -21.02 12.78
CA ARG B 193 -15.96 -20.57 13.33
C ARG B 193 -15.06 -21.75 13.64
N MET B 194 -13.75 -21.51 13.59
CA MET B 194 -12.81 -22.61 13.72
C MET B 194 -11.42 -22.14 14.15
N SER B 195 -10.89 -22.79 15.17
CA SER B 195 -9.66 -22.37 15.80
C SER B 195 -8.54 -23.37 15.52
N PHE B 196 -7.33 -22.86 15.32
CA PHE B 196 -6.15 -23.73 15.12
C PHE B 196 -5.36 -23.86 16.40
N VAL B 197 -4.99 -25.09 16.75
CA VAL B 197 -4.21 -25.42 17.95
C VAL B 197 -4.93 -25.23 19.31
N LYS B 198 -5.27 -24.00 19.68
CA LYS B 198 -5.88 -23.71 20.97
C LYS B 198 -7.39 -23.92 20.96
N GLY B 199 -7.92 -24.62 21.96
CA GLY B 199 -9.36 -24.80 22.06
C GLY B 199 -10.03 -23.69 22.86
N TRP B 200 -11.36 -23.76 22.93
CA TRP B 200 -12.16 -22.83 23.73
C TRP B 200 -13.50 -23.46 24.12
N GLY B 201 -14.15 -22.89 25.14
CA GLY B 201 -15.36 -23.49 25.69
C GLY B 201 -15.09 -24.38 26.90
N ALA B 202 -15.88 -25.46 27.00
CA ALA B 202 -15.79 -26.39 28.13
C ALA B 202 -14.49 -27.19 28.13
N GLU B 203 -13.79 -27.17 29.27
CA GLU B 203 -12.53 -27.90 29.47
C GLU B 203 -11.35 -27.00 29.13
N TYR B 204 -11.66 -25.76 28.72
CA TYR B 204 -10.63 -24.79 28.36
C TYR B 204 -10.81 -23.51 29.16
N HIS B 205 -9.71 -22.80 29.35
CA HIS B 205 -9.73 -21.54 30.06
C HIS B 205 -10.36 -20.45 29.20
N ARG B 206 -10.03 -20.47 27.90
CA ARG B 206 -10.63 -19.55 26.94
C ARG B 206 -12.07 -19.92 26.71
N GLN B 207 -12.96 -18.98 27.01
CA GLN B 207 -14.39 -19.19 26.82
C GLN B 207 -14.88 -18.66 25.46
N ASP B 208 -14.42 -17.48 25.06
CA ASP B 208 -14.78 -16.92 23.76
C ASP B 208 -13.74 -17.25 22.70
N VAL B 209 -14.18 -17.35 21.46
CA VAL B 209 -13.29 -17.65 20.34
C VAL B 209 -12.36 -16.48 20.09
N THR B 210 -12.82 -15.29 20.44
CA THR B 210 -11.99 -14.10 20.33
C THR B 210 -10.87 -14.12 21.35
N SER B 211 -10.79 -15.23 22.09
CA SER B 211 -9.76 -15.42 23.09
C SER B 211 -8.65 -16.29 22.52
N THR B 212 -8.94 -16.94 21.40
CA THR B 212 -7.98 -17.80 20.71
C THR B 212 -7.16 -17.01 19.69
N PRO B 213 -5.88 -17.38 19.50
CA PRO B 213 -4.96 -16.53 18.74
C PRO B 213 -5.04 -16.71 17.22
N CYS B 214 -5.57 -17.82 16.75
CA CYS B 214 -5.62 -18.08 15.32
C CYS B 214 -6.90 -18.77 14.93
N TRP B 215 -7.84 -18.01 14.40
CA TRP B 215 -9.10 -18.61 14.01
C TRP B 215 -9.70 -18.01 12.76
N ILE B 216 -10.65 -18.72 12.17
CA ILE B 216 -11.27 -18.32 10.92
C ILE B 216 -12.77 -18.40 10.98
N GLU B 217 -13.40 -17.52 10.24
CA GLU B 217 -14.83 -17.57 10.07
C GLU B 217 -15.20 -17.91 8.62
N ILE B 218 -16.06 -18.89 8.48
CA ILE B 218 -16.46 -19.41 7.19
C ILE B 218 -17.91 -19.11 6.92
N HIS B 219 -18.21 -18.55 5.75
CA HIS B 219 -19.58 -18.30 5.38
C HIS B 219 -19.99 -19.23 4.26
N LEU B 220 -21.04 -20.01 4.50
CA LEU B 220 -21.59 -20.87 3.47
C LEU B 220 -22.56 -20.07 2.59
N HIS B 221 -22.19 -19.91 1.31
CA HIS B 221 -22.91 -19.01 0.41
C HIS B 221 -24.25 -19.54 -0.10
N GLY B 222 -24.33 -20.86 -0.24
CA GLY B 222 -25.58 -21.50 -0.62
C GLY B 222 -26.64 -21.29 0.45
N PRO B 223 -26.43 -21.87 1.63
CA PRO B 223 -27.31 -21.66 2.78
C PRO B 223 -27.71 -20.20 2.94
N LEU B 224 -26.77 -19.29 2.74
CA LEU B 224 -27.05 -17.87 2.89
C LEU B 224 -28.02 -17.35 1.83
N GLN B 225 -27.94 -17.94 0.64
CA GLN B 225 -28.82 -17.57 -0.47
C GLN B 225 -30.24 -18.10 -0.27
N TRP B 226 -30.38 -19.41 -0.03
CA TRP B 226 -31.69 -20.00 0.25
C TRP B 226 -32.43 -19.11 1.25
N LEU B 227 -31.72 -18.75 2.31
CA LEU B 227 -32.24 -17.99 3.44
C LEU B 227 -32.72 -16.59 3.06
N ASP B 228 -32.05 -15.99 2.09
CA ASP B 228 -32.34 -14.65 1.64
C ASP B 228 -33.70 -14.64 0.96
N LYS B 229 -33.82 -15.49 -0.06
CA LYS B 229 -35.06 -15.69 -0.80
C LYS B 229 -36.26 -15.73 0.15
N VAL B 230 -36.10 -16.46 1.24
CA VAL B 230 -37.13 -16.53 2.28
C VAL B 230 -37.28 -15.20 2.99
N LEU B 231 -36.20 -14.73 3.59
CA LEU B 231 -36.20 -13.48 4.32
C LEU B 231 -36.87 -12.36 3.55
N THR B 232 -36.59 -12.31 2.25
CA THR B 232 -37.10 -11.24 1.42
C THR B 232 -38.63 -11.24 1.41
N GLN B 233 -39.20 -12.40 1.12
CA GLN B 233 -40.65 -12.56 1.03
C GLN B 233 -41.30 -12.62 2.39
N MET B 234 -40.54 -12.27 3.43
CA MET B 234 -41.08 -12.17 4.77
C MET B 234 -41.44 -10.73 5.11
N GLY B 235 -41.89 -10.51 6.34
CA GLY B 235 -42.26 -9.19 6.77
C GLY B 235 -41.32 -8.64 7.82
N SER B 236 -41.20 -7.31 7.86
CA SER B 236 -40.48 -6.62 8.92
C SER B 236 -41.03 -7.07 10.28
N PRO B 237 -40.19 -7.01 11.32
CA PRO B 237 -40.52 -7.51 12.66
C PRO B 237 -41.79 -6.91 13.27
N HIS B 238 -41.99 -7.15 14.57
CA HIS B 238 -43.13 -6.60 15.29
C HIS B 238 -42.71 -5.41 16.15
N ASN B 239 -42.37 -5.69 17.42
CA ASN B 239 -41.95 -4.64 18.35
C ASN B 239 -41.13 -3.59 17.63
N ALA B 240 -41.77 -2.49 17.24
CA ALA B 240 -41.07 -1.40 16.56
C ALA B 240 -39.91 -0.92 17.43
N ILE B 241 -38.83 -0.46 16.80
CA ILE B 241 -37.64 -0.06 17.54
C ILE B 241 -37.53 1.46 17.58
N SER B 242 -36.97 1.98 18.68
CA SER B 242 -36.77 3.41 18.83
C SER B 242 -35.75 3.94 17.82
N SER B 243 -35.99 5.15 17.30
CA SER B 243 -35.00 5.80 16.47
C SER B 243 -34.29 6.91 17.25
N VAL B 244 -33.97 6.61 18.51
CA VAL B 244 -33.22 7.52 19.38
C VAL B 244 -32.57 6.76 20.53
N SER B 245 -33.34 5.85 21.14
CA SER B 245 -32.91 5.12 22.32
C SER B 245 -31.52 4.51 22.16
N GLU C 47 6.07 -15.11 -12.34
CA GLU C 47 5.45 -16.24 -11.63
C GLU C 47 4.16 -15.85 -10.87
N PRO C 48 4.22 -14.79 -10.03
CA PRO C 48 3.10 -14.36 -9.18
C PRO C 48 2.20 -13.32 -9.83
N ALA C 49 0.89 -13.43 -9.64
CA ALA C 49 -0.09 -12.48 -10.18
C ALA C 49 0.33 -11.02 -10.00
N PHE C 50 0.65 -10.67 -8.75
CA PHE C 50 1.14 -9.34 -8.41
C PHE C 50 2.46 -9.48 -7.68
N TRP C 51 3.35 -8.51 -7.89
CA TRP C 51 4.65 -8.52 -7.22
C TRP C 51 4.58 -7.95 -5.80
N ALA C 52 3.52 -7.22 -5.50
CA ALA C 52 3.30 -6.68 -4.17
C ALA C 52 1.83 -6.38 -3.89
N SER C 53 1.50 -6.31 -2.61
CA SER C 53 0.25 -5.73 -2.13
C SER C 53 0.59 -4.78 -0.99
N ILE C 54 -0.14 -3.68 -0.91
CA ILE C 54 0.15 -2.66 0.11
C ILE C 54 -1.09 -2.34 0.95
N ALA C 55 -0.92 -2.40 2.27
CA ALA C 55 -1.98 -2.04 3.19
C ALA C 55 -1.67 -0.73 3.90
N TYR C 56 -2.67 0.16 3.95
CA TYR C 56 -2.53 1.46 4.61
C TYR C 56 -3.03 1.45 6.05
N TYR C 57 -2.24 2.05 6.94
CA TYR C 57 -2.56 2.11 8.34
C TYR C 57 -2.51 3.52 8.90
N GLU C 58 -3.37 3.79 9.87
CA GLU C 58 -3.29 5.00 10.67
C GLU C 58 -3.19 4.67 12.15
N LEU C 59 -1.96 4.60 12.63
CA LEU C 59 -1.68 4.15 13.99
C LEU C 59 -1.85 2.64 14.08
N ASN C 60 -2.93 2.17 14.71
CA ASN C 60 -3.27 0.74 14.64
C ASN C 60 -4.66 0.53 14.05
N CYS C 61 -4.87 1.12 12.88
CA CYS C 61 -6.15 1.05 12.23
C CYS C 61 -5.96 0.93 10.71
N ARG C 62 -6.08 -0.29 10.20
CA ARG C 62 -6.13 -0.50 8.77
C ARG C 62 -7.09 0.53 8.22
N VAL C 63 -6.67 1.25 7.18
CA VAL C 63 -7.51 2.26 6.55
C VAL C 63 -7.65 1.95 5.07
N GLY C 64 -8.87 1.82 4.60
CA GLY C 64 -9.12 1.51 3.20
C GLY C 64 -8.69 0.12 2.81
N GLU C 65 -9.01 -0.27 1.57
CA GLU C 65 -8.65 -1.60 1.07
C GLU C 65 -7.19 -1.79 0.78
N VAL C 66 -6.87 -3.01 0.36
CA VAL C 66 -5.51 -3.41 0.02
C VAL C 66 -5.28 -3.12 -1.46
N PHE C 67 -4.15 -2.50 -1.75
CA PHE C 67 -3.82 -2.19 -3.13
C PHE C 67 -2.95 -3.29 -3.65
N HIS C 68 -3.24 -3.77 -4.87
CA HIS C 68 -2.41 -4.81 -5.47
C HIS C 68 -1.64 -4.27 -6.68
N CYS C 69 -0.39 -4.72 -6.83
CA CYS C 69 0.52 -4.15 -7.84
C CYS C 69 0.91 -5.11 -8.98
N ASN C 70 0.30 -4.95 -10.15
CA ASN C 70 0.66 -5.77 -11.31
C ASN C 70 1.78 -5.14 -12.11
N ASN C 71 1.87 -3.81 -12.02
CA ASN C 71 2.84 -3.03 -12.76
C ASN C 71 4.04 -2.66 -11.89
N ASN C 72 5.22 -2.71 -12.50
CA ASN C 72 6.48 -2.58 -11.78
C ASN C 72 6.82 -1.18 -11.30
N SER C 73 5.93 -0.24 -11.55
CA SER C 73 6.14 1.12 -11.08
C SER C 73 4.91 1.64 -10.38
N VAL C 74 4.87 1.54 -9.05
CA VAL C 74 3.70 1.99 -8.30
C VAL C 74 3.98 3.22 -7.45
N ILE C 75 2.97 4.07 -7.35
CA ILE C 75 3.07 5.29 -6.57
C ILE C 75 1.99 5.32 -5.52
N VAL C 76 2.41 5.54 -4.28
CA VAL C 76 1.46 5.68 -3.20
C VAL C 76 1.48 7.16 -2.85
N ASP C 77 0.35 7.85 -3.01
CA ASP C 77 0.33 9.29 -2.78
C ASP C 77 -0.87 9.75 -1.99
N GLY C 78 -0.91 11.04 -1.68
CA GLY C 78 -1.93 11.58 -0.81
C GLY C 78 -3.11 12.16 -1.56
N PHE C 79 -3.25 11.79 -2.82
CA PHE C 79 -4.36 12.31 -3.62
C PHE C 79 -5.59 11.41 -3.59
N THR C 80 -6.47 11.61 -4.55
CA THR C 80 -7.84 11.13 -4.40
C THR C 80 -8.37 10.22 -5.51
N ASN C 81 -7.51 9.78 -6.42
CA ASN C 81 -7.97 8.88 -7.46
C ASN C 81 -8.26 7.50 -6.90
N PRO C 82 -9.45 6.95 -7.23
CA PRO C 82 -9.90 5.65 -6.72
C PRO C 82 -9.30 4.45 -7.44
N SER C 83 -9.64 4.27 -8.71
CA SER C 83 -9.29 3.06 -9.46
C SER C 83 -8.10 2.25 -8.91
N ASN C 84 -8.31 0.96 -8.69
CA ASN C 84 -7.28 0.07 -8.13
C ASN C 84 -6.45 -0.64 -9.18
N ASN C 85 -7.04 -0.85 -10.34
CA ASN C 85 -6.32 -1.39 -11.48
C ASN C 85 -5.16 -0.47 -11.89
N SER C 86 -5.37 0.84 -11.73
CA SER C 86 -4.48 1.87 -12.28
C SER C 86 -2.98 1.64 -12.07
N ASP C 87 -2.53 1.70 -10.80
CA ASP C 87 -1.12 1.58 -10.40
C ASP C 87 -0.73 2.72 -9.48
N ARG C 88 -1.73 3.51 -9.10
CA ARG C 88 -1.60 4.58 -8.12
C ARG C 88 -2.48 4.31 -6.91
N CYS C 89 -1.83 4.20 -5.76
CA CYS C 89 -2.53 4.08 -4.50
C CYS C 89 -2.62 5.45 -3.88
N CYS C 90 -3.82 6.02 -3.92
CA CYS C 90 -4.07 7.33 -3.34
C CYS C 90 -4.65 7.12 -1.98
N LEU C 91 -4.09 7.80 -1.00
CA LEU C 91 -4.46 7.57 0.37
C LEU C 91 -5.39 8.68 0.81
N GLY C 92 -5.42 9.75 0.01
CA GLY C 92 -6.14 10.97 0.35
C GLY C 92 -7.65 10.83 0.32
N GLN C 93 -8.14 9.81 -0.37
CA GLN C 93 -9.57 9.55 -0.45
C GLN C 93 -10.03 8.50 0.56
N LEU C 94 -9.06 7.90 1.25
CA LEU C 94 -9.35 6.89 2.25
C LEU C 94 -9.88 7.53 3.52
N SER C 95 -11.02 7.04 3.99
CA SER C 95 -11.73 7.64 5.11
C SER C 95 -11.34 7.03 6.45
N ASN C 96 -11.18 7.88 7.46
CA ASN C 96 -11.05 7.42 8.84
C ASN C 96 -11.83 8.37 9.72
N VAL C 97 -12.39 7.81 10.77
CA VAL C 97 -13.18 8.57 11.72
C VAL C 97 -12.40 8.67 13.02
N ASN C 98 -11.74 7.58 13.39
CA ASN C 98 -10.75 7.57 14.48
C ASN C 98 -9.60 8.55 14.18
N ARG C 99 -9.75 9.30 13.09
CA ARG C 99 -8.74 10.25 12.63
C ARG C 99 -8.77 11.56 13.42
N ASN C 100 -7.59 12.01 13.83
CA ASN C 100 -7.48 13.23 14.63
C ASN C 100 -6.90 14.39 13.85
N SER C 101 -6.40 15.39 14.57
CA SER C 101 -5.83 16.57 13.94
C SER C 101 -4.46 16.24 13.34
N THR C 102 -3.59 15.59 14.12
CA THR C 102 -2.24 15.30 13.64
C THR C 102 -2.18 14.21 12.57
N ILE C 103 -3.26 13.47 12.37
CA ILE C 103 -3.35 12.54 11.24
C ILE C 103 -3.80 13.29 9.99
N GLU C 104 -4.85 14.09 10.13
CA GLU C 104 -5.26 14.95 9.04
C GLU C 104 -4.10 15.82 8.59
N ASN C 105 -3.24 16.18 9.54
CA ASN C 105 -2.14 17.10 9.27
C ASN C 105 -1.04 16.42 8.47
N THR C 106 -0.69 15.21 8.88
CA THR C 106 0.34 14.46 8.18
C THR C 106 -0.13 14.10 6.79
N ARG C 107 -1.41 13.74 6.68
CA ARG C 107 -1.99 13.38 5.38
C ARG C 107 -1.81 14.45 4.28
N ARG C 108 -1.78 15.72 4.69
CA ARG C 108 -1.62 16.79 3.72
C ARG C 108 -0.22 16.70 3.13
N HIS C 109 0.76 16.50 4.00
CA HIS C 109 2.17 16.56 3.63
C HIS C 109 2.67 15.40 2.75
N ILE C 110 1.84 14.36 2.62
CA ILE C 110 2.19 13.23 1.77
C ILE C 110 2.39 13.69 0.34
N GLY C 111 1.36 14.29 -0.25
CA GLY C 111 1.46 14.76 -1.60
C GLY C 111 1.95 13.68 -2.57
N LYS C 112 2.97 14.01 -3.35
CA LYS C 112 3.45 13.14 -4.45
C LYS C 112 3.81 11.75 -3.96
N GLY C 113 4.28 11.67 -2.72
CA GLY C 113 4.30 10.41 -2.00
C GLY C 113 5.54 9.55 -2.13
N VAL C 114 5.33 8.28 -2.44
CA VAL C 114 6.43 7.34 -2.57
C VAL C 114 6.34 6.56 -3.87
N HIS C 115 7.49 6.40 -4.51
CA HIS C 115 7.55 5.62 -5.72
C HIS C 115 8.26 4.31 -5.42
N LEU C 116 7.56 3.21 -5.64
CA LEU C 116 8.11 1.87 -5.46
C LEU C 116 8.39 1.24 -6.82
N TYR C 117 9.63 0.79 -6.98
CA TYR C 117 10.11 0.38 -8.29
C TYR C 117 10.73 -1.01 -8.25
N TYR C 118 10.09 -1.93 -8.95
CA TYR C 118 10.58 -3.30 -9.08
C TYR C 118 11.16 -3.50 -10.47
N VAL C 119 12.44 -3.86 -10.51
CA VAL C 119 13.15 -4.11 -11.76
C VAL C 119 14.19 -5.18 -11.47
N THR C 120 14.30 -6.14 -12.39
CA THR C 120 15.10 -7.35 -12.20
C THR C 120 14.73 -8.04 -10.87
N GLY C 121 15.70 -8.19 -9.98
CA GLY C 121 15.42 -8.77 -8.68
C GLY C 121 15.02 -7.70 -7.68
N GLU C 122 15.69 -6.55 -7.77
CA GLU C 122 15.62 -5.51 -6.75
C GLU C 122 14.36 -4.64 -6.75
N VAL C 123 14.03 -4.10 -5.59
CA VAL C 123 12.97 -3.10 -5.46
C VAL C 123 13.48 -1.84 -4.74
N TYR C 124 13.16 -0.69 -5.31
CA TYR C 124 13.71 0.59 -4.87
C TYR C 124 12.59 1.46 -4.38
N ALA C 125 12.83 2.15 -3.28
CA ALA C 125 11.86 3.12 -2.80
C ALA C 125 12.40 4.52 -3.01
N GLU C 126 11.58 5.36 -3.65
CA GLU C 126 11.95 6.74 -3.93
C GLU C 126 10.94 7.70 -3.30
N CYS C 127 11.46 8.65 -2.52
CA CYS C 127 10.62 9.64 -1.83
C CYS C 127 10.26 10.79 -2.75
N LEU C 128 9.10 10.67 -3.39
CA LEU C 128 8.57 11.73 -4.25
C LEU C 128 7.97 12.87 -3.42
N SER C 129 7.78 12.59 -2.13
CA SER C 129 7.14 13.54 -1.22
C SER C 129 8.02 14.76 -0.98
N ASP C 130 7.41 15.86 -0.54
CA ASP C 130 8.18 17.04 -0.17
C ASP C 130 8.59 16.87 1.28
N SER C 131 7.99 15.87 1.92
CA SER C 131 8.40 15.39 3.24
C SER C 131 9.04 14.01 3.09
N ALA C 132 9.85 13.61 4.07
CA ALA C 132 10.47 12.30 4.00
C ALA C 132 9.52 11.15 4.35
N ILE C 133 10.07 9.96 4.23
CA ILE C 133 9.35 8.73 4.48
C ILE C 133 10.41 7.87 5.15
N PHE C 134 9.96 6.91 5.96
CA PHE C 134 10.88 6.07 6.71
C PHE C 134 10.63 4.60 6.43
N VAL C 135 11.70 3.83 6.24
CA VAL C 135 11.57 2.43 5.86
C VAL C 135 12.21 1.49 6.87
N GLN C 136 11.50 0.40 7.16
CA GLN C 136 12.06 -0.69 7.92
C GLN C 136 12.00 -1.96 7.07
N SER C 137 13.10 -2.23 6.39
CA SER C 137 13.19 -3.42 5.56
C SER C 137 14.29 -4.34 6.09
N ARG C 138 13.91 -5.57 6.45
CA ARG C 138 14.88 -6.51 7.02
C ARG C 138 15.93 -6.92 6.00
N ASN C 139 15.51 -7.00 4.74
CA ASN C 139 16.42 -7.36 3.67
C ASN C 139 17.44 -6.27 3.43
N CYS C 140 16.95 -5.03 3.42
CA CYS C 140 17.78 -3.85 3.28
C CYS C 140 18.71 -3.68 4.49
N ASN C 141 18.26 -4.08 5.67
CA ASN C 141 19.03 -3.90 6.90
C ASN C 141 20.14 -4.93 7.05
N TYR C 142 19.82 -6.18 6.76
CA TYR C 142 20.83 -7.22 6.77
C TYR C 142 21.84 -6.95 5.64
N GLN C 143 21.35 -6.31 4.58
CA GLN C 143 22.13 -6.02 3.37
C GLN C 143 23.13 -4.87 3.59
N HIS C 144 22.73 -3.88 4.38
CA HIS C 144 23.59 -2.76 4.73
C HIS C 144 24.27 -3.01 6.07
N GLY C 145 23.85 -4.07 6.75
CA GLY C 145 24.48 -4.47 7.98
C GLY C 145 23.85 -3.89 9.23
N PHE C 146 22.92 -2.95 9.05
CA PHE C 146 22.23 -2.35 10.19
C PHE C 146 21.50 -3.40 11.04
N HIS C 147 21.27 -3.08 12.31
CA HIS C 147 20.39 -3.88 13.16
C HIS C 147 19.06 -4.08 12.42
N PRO C 148 18.62 -5.34 12.23
CA PRO C 148 17.46 -5.63 11.38
C PRO C 148 16.12 -5.04 11.82
N SER C 149 16.09 -4.23 12.88
CA SER C 149 14.87 -3.49 13.22
C SER C 149 15.11 -1.99 13.06
N THR C 150 15.99 -1.65 12.12
CA THR C 150 16.38 -0.27 11.88
C THR C 150 15.40 0.45 10.97
N VAL C 151 15.11 1.69 11.32
CA VAL C 151 14.27 2.55 10.52
C VAL C 151 15.10 3.63 9.82
N CYS C 152 15.37 3.42 8.54
CA CYS C 152 16.12 4.37 7.73
C CYS C 152 15.23 5.50 7.20
N LYS C 153 15.79 6.71 7.08
CA LYS C 153 15.07 7.83 6.51
C LYS C 153 15.38 7.96 5.02
N ILE C 154 14.37 8.24 4.20
CA ILE C 154 14.58 8.57 2.78
C ILE C 154 14.03 9.95 2.52
N PRO C 155 14.89 10.97 2.60
CA PRO C 155 14.48 12.37 2.44
C PRO C 155 13.99 12.64 1.04
N PRO C 156 13.14 13.67 0.88
CA PRO C 156 12.51 14.05 -0.38
C PRO C 156 13.54 14.00 -1.51
N GLY C 157 13.17 13.37 -2.62
CA GLY C 157 14.05 13.28 -3.77
C GLY C 157 15.10 12.19 -3.66
N CYS C 158 15.12 11.46 -2.55
CA CYS C 158 16.11 10.40 -2.35
C CYS C 158 15.61 9.01 -2.72
N SER C 159 16.55 8.09 -2.82
CA SER C 159 16.29 6.74 -3.31
C SER C 159 16.94 5.73 -2.37
N LEU C 160 16.37 4.53 -2.31
CA LEU C 160 16.93 3.46 -1.50
C LEU C 160 16.55 2.09 -2.01
N LYS C 161 17.53 1.23 -2.25
CA LYS C 161 17.22 -0.14 -2.60
C LYS C 161 16.80 -0.80 -1.30
N ILE C 162 15.52 -1.14 -1.21
CA ILE C 162 14.96 -1.68 0.02
C ILE C 162 14.87 -3.19 -0.07
N PHE C 163 15.28 -3.76 -1.18
CA PHE C 163 15.22 -5.21 -1.30
C PHE C 163 15.96 -5.76 -2.52
N ASN C 164 16.91 -6.66 -2.24
CA ASN C 164 17.55 -7.44 -3.28
C ASN C 164 17.04 -8.87 -3.26
N ASN C 165 16.47 -9.30 -4.38
CA ASN C 165 15.87 -10.62 -4.45
C ASN C 165 16.93 -11.71 -4.38
N GLN C 166 18.15 -11.36 -4.75
CA GLN C 166 19.27 -12.31 -4.76
C GLN C 166 19.81 -12.53 -3.34
N GLU C 167 20.16 -11.43 -2.67
CA GLU C 167 20.52 -11.44 -1.26
C GLU C 167 19.60 -12.39 -0.49
N PHE C 168 18.30 -12.25 -0.74
CA PHE C 168 17.25 -13.04 -0.09
C PHE C 168 17.41 -14.53 -0.34
N ALA C 169 17.11 -14.96 -1.56
CA ALA C 169 17.11 -16.39 -1.92
C ALA C 169 18.39 -17.14 -1.53
N GLN C 170 19.41 -16.41 -1.12
CA GLN C 170 20.57 -17.03 -0.50
C GLN C 170 20.27 -17.28 0.97
N LEU C 171 19.95 -16.22 1.71
CA LEU C 171 19.43 -16.38 3.07
C LEU C 171 18.47 -17.53 3.14
N LEU C 172 17.66 -17.66 2.11
CA LEU C 172 16.70 -18.75 2.03
C LEU C 172 17.43 -20.08 2.03
N SER C 173 18.26 -20.30 1.01
CA SER C 173 19.01 -21.55 0.91
C SER C 173 19.97 -21.75 2.08
N GLN C 174 20.44 -20.64 2.66
CA GLN C 174 21.33 -20.67 3.82
C GLN C 174 20.64 -21.29 5.04
N SER C 175 19.52 -20.68 5.46
CA SER C 175 18.84 -21.12 6.68
C SER C 175 17.77 -22.19 6.45
N VAL C 176 18.15 -23.30 5.83
CA VAL C 176 17.28 -24.48 5.73
C VAL C 176 17.72 -25.50 6.77
N ASN C 177 18.99 -25.90 6.68
CA ASN C 177 19.60 -26.77 7.66
C ASN C 177 20.10 -25.94 8.85
N ASN C 178 19.54 -24.75 8.97
CA ASN C 178 19.82 -23.86 10.09
C ASN C 178 18.64 -23.91 11.06
N GLY C 179 17.63 -24.69 10.69
CA GLY C 179 16.45 -24.84 11.53
C GLY C 179 15.16 -24.61 10.77
N PHE C 180 14.04 -24.79 11.44
CA PHE C 180 12.74 -24.57 10.83
C PHE C 180 12.21 -23.16 11.11
N GLU C 181 12.19 -22.75 12.37
CA GLU C 181 11.72 -21.41 12.69
C GLU C 181 12.62 -20.36 12.04
N ALA C 182 13.85 -20.75 11.76
CA ALA C 182 14.75 -19.88 10.99
C ALA C 182 14.04 -19.51 9.71
N VAL C 183 13.76 -20.52 8.90
CA VAL C 183 13.11 -20.34 7.60
C VAL C 183 11.67 -19.81 7.72
N TYR C 184 11.13 -19.74 8.93
CA TYR C 184 9.80 -19.17 9.15
C TYR C 184 9.90 -17.70 9.48
N GLU C 185 10.93 -17.34 10.22
CA GLU C 185 11.20 -15.96 10.58
C GLU C 185 11.40 -15.08 9.34
N LEU C 186 11.74 -15.73 8.22
CA LEU C 186 11.98 -15.05 6.96
C LEU C 186 10.75 -14.32 6.45
N THR C 187 9.59 -14.77 6.90
CA THR C 187 8.36 -14.08 6.57
C THR C 187 8.52 -12.61 6.92
N LYS C 188 9.23 -12.34 8.01
CA LYS C 188 9.48 -10.97 8.43
C LYS C 188 10.24 -10.18 7.36
N MET C 189 11.05 -10.86 6.57
CA MET C 189 11.81 -10.24 5.50
C MET C 189 10.95 -9.76 4.33
N CYS C 190 9.94 -10.57 3.98
CA CYS C 190 9.11 -10.33 2.79
C CYS C 190 8.10 -9.22 3.00
N THR C 191 8.07 -8.65 4.19
CA THR C 191 7.19 -7.52 4.47
C THR C 191 8.03 -6.32 4.89
N ILE C 192 7.75 -5.17 4.28
CA ILE C 192 8.45 -3.94 4.59
C ILE C 192 7.39 -2.96 5.02
N ARG C 193 7.70 -2.12 5.98
CA ARG C 193 6.74 -1.14 6.45
C ARG C 193 7.41 0.19 6.33
N MET C 194 6.68 1.20 5.89
CA MET C 194 7.27 2.53 5.80
C MET C 194 6.25 3.57 6.19
N SER C 195 6.76 4.69 6.70
CA SER C 195 5.94 5.69 7.32
C SER C 195 6.11 7.02 6.63
N PHE C 196 5.02 7.69 6.35
CA PHE C 196 5.09 9.01 5.77
C PHE C 196 5.28 10.05 6.86
N VAL C 197 6.29 10.89 6.66
CA VAL C 197 6.47 12.12 7.44
C VAL C 197 7.09 11.93 8.83
N LYS C 198 6.63 10.94 9.57
CA LYS C 198 7.09 10.74 10.94
C LYS C 198 8.01 9.51 11.10
N GLY C 199 9.07 9.70 11.85
CA GLY C 199 9.98 8.61 12.15
C GLY C 199 9.55 7.81 13.37
N TRP C 200 10.18 6.65 13.53
CA TRP C 200 9.93 5.79 14.69
C TRP C 200 11.17 4.94 14.95
N GLY C 201 11.38 4.58 16.21
CA GLY C 201 12.38 3.61 16.57
C GLY C 201 13.65 4.13 17.25
N ALA C 202 14.72 3.38 17.03
CA ALA C 202 16.01 3.67 17.64
C ALA C 202 16.56 5.00 17.16
N GLU C 203 16.04 6.10 17.72
CA GLU C 203 16.48 7.46 17.38
C GLU C 203 15.35 8.46 17.62
N TYR C 204 14.11 7.99 17.48
CA TYR C 204 12.96 8.87 17.51
C TYR C 204 12.12 8.72 18.78
N HIS C 205 11.22 9.68 18.97
CA HIS C 205 10.28 9.65 20.07
C HIS C 205 9.44 8.36 20.01
N ARG C 206 8.56 8.28 19.01
CA ARG C 206 7.71 7.10 18.82
C ARG C 206 8.57 5.85 18.70
N GLN C 207 8.18 4.78 19.39
CA GLN C 207 8.97 3.56 19.40
C GLN C 207 8.40 2.48 18.50
N ASP C 208 7.10 2.52 18.28
CA ASP C 208 6.44 1.53 17.44
C ASP C 208 5.84 2.23 16.24
N VAL C 209 5.80 1.54 15.10
CA VAL C 209 5.25 2.13 13.88
C VAL C 209 3.74 2.33 13.99
N THR C 210 3.14 1.60 14.94
CA THR C 210 1.72 1.75 15.28
C THR C 210 1.52 3.12 15.88
N SER C 211 2.64 3.71 16.30
CA SER C 211 2.65 5.03 16.92
C SER C 211 2.62 6.12 15.85
N THR C 212 3.08 5.78 14.64
CA THR C 212 3.11 6.75 13.53
C THR C 212 1.72 6.89 12.88
N PRO C 213 1.34 8.13 12.52
CA PRO C 213 0.00 8.52 12.05
C PRO C 213 -0.35 7.91 10.70
N CYS C 214 0.59 7.97 9.76
CA CYS C 214 0.37 7.48 8.40
C CYS C 214 1.51 6.57 8.02
N TRP C 215 1.16 5.37 7.60
CA TRP C 215 2.18 4.43 7.17
C TRP C 215 1.58 3.27 6.40
N ILE C 216 2.45 2.50 5.76
CA ILE C 216 2.00 1.41 4.91
C ILE C 216 2.81 0.14 5.11
N GLU C 217 2.15 -0.98 4.88
CA GLU C 217 2.76 -2.28 4.97
C GLU C 217 2.81 -2.85 3.55
N ILE C 218 3.97 -3.37 3.17
CA ILE C 218 4.18 -3.86 1.83
C ILE C 218 4.60 -5.32 1.88
N HIS C 219 3.88 -6.17 1.15
CA HIS C 219 4.23 -7.58 1.09
C HIS C 219 4.76 -7.94 -0.31
N LEU C 220 5.88 -8.66 -0.36
CA LEU C 220 6.52 -9.00 -1.64
C LEU C 220 6.19 -10.41 -2.11
N HIS C 221 5.19 -10.53 -2.97
CA HIS C 221 4.67 -11.83 -3.39
C HIS C 221 5.70 -12.72 -4.11
N GLY C 222 6.76 -12.11 -4.63
CA GLY C 222 7.81 -12.87 -5.27
C GLY C 222 8.44 -13.77 -4.25
N PRO C 223 9.19 -13.17 -3.30
CA PRO C 223 9.86 -13.85 -2.19
C PRO C 223 8.94 -14.83 -1.46
N LEU C 224 7.79 -14.33 -1.01
CA LEU C 224 6.82 -15.13 -0.27
C LEU C 224 6.49 -16.44 -0.97
N GLN C 225 6.28 -16.38 -2.27
CA GLN C 225 5.92 -17.58 -3.02
C GLN C 225 7.07 -18.58 -3.03
N TRP C 226 8.31 -18.09 -2.97
CA TRP C 226 9.47 -18.96 -2.96
C TRP C 226 9.70 -19.55 -1.57
N LEU C 227 9.57 -18.71 -0.55
CA LEU C 227 9.56 -19.19 0.82
C LEU C 227 8.58 -20.35 0.93
N ASP C 228 7.43 -20.18 0.30
CA ASP C 228 6.37 -21.16 0.43
C ASP C 228 6.82 -22.54 -0.04
N LYS C 229 7.54 -22.61 -1.16
CA LYS C 229 7.88 -23.89 -1.75
C LYS C 229 8.91 -24.63 -0.91
N VAL C 230 9.58 -23.88 -0.04
CA VAL C 230 10.47 -24.42 0.98
C VAL C 230 9.71 -25.03 2.16
N LEU C 231 8.91 -24.22 2.82
CA LEU C 231 8.14 -24.65 3.98
C LEU C 231 7.19 -25.78 3.62
N THR C 232 6.57 -25.68 2.45
CA THR C 232 5.71 -26.74 1.94
C THR C 232 6.37 -28.09 2.23
N GLN C 233 7.68 -28.15 1.99
CA GLN C 233 8.46 -29.36 2.24
C GLN C 233 9.45 -29.17 3.43
N MET C 234 8.92 -29.33 4.64
CA MET C 234 9.68 -29.16 5.89
C MET C 234 8.78 -29.36 7.12
N GLY C 235 9.18 -30.25 8.02
CA GLY C 235 8.32 -30.68 9.12
C GLY C 235 8.14 -29.66 10.24
N SER C 236 7.08 -29.85 11.02
CA SER C 236 6.73 -28.91 12.10
C SER C 236 7.91 -28.60 13.03
N PRO C 237 7.82 -27.50 13.79
CA PRO C 237 8.88 -27.09 14.72
C PRO C 237 9.04 -28.14 15.81
N HIS C 238 10.18 -28.16 16.50
CA HIS C 238 10.35 -29.15 17.54
C HIS C 238 9.36 -28.94 18.68
N ASN C 239 9.62 -27.94 19.51
CA ASN C 239 8.78 -27.70 20.69
C ASN C 239 7.30 -27.83 20.35
N ALA C 240 6.67 -28.92 20.79
CA ALA C 240 5.22 -29.05 20.65
C ALA C 240 4.54 -27.94 21.44
N ILE C 241 3.24 -27.75 21.22
CA ILE C 241 2.56 -26.59 21.78
C ILE C 241 1.30 -27.00 22.53
N SER C 242 0.97 -26.24 23.57
CA SER C 242 -0.25 -26.49 24.35
C SER C 242 -1.53 -26.02 23.62
N SER C 243 -2.64 -26.68 23.92
CA SER C 243 -3.92 -26.31 23.34
C SER C 243 -4.78 -25.57 24.36
N VAL C 244 -4.27 -25.45 25.58
CA VAL C 244 -5.04 -24.83 26.67
C VAL C 244 -4.39 -23.52 27.15
N SER C 245 -3.06 -23.46 27.07
CA SER C 245 -2.27 -22.34 27.60
C SER C 245 -2.09 -21.15 26.64
N GLU D 47 -16.59 7.23 -17.33
CA GLU D 47 -15.14 7.21 -17.15
C GLU D 47 -14.68 6.33 -15.97
N PRO D 48 -15.34 6.47 -14.80
CA PRO D 48 -14.89 5.83 -13.55
C PRO D 48 -15.09 4.31 -13.50
N ALA D 49 -14.27 3.63 -12.70
CA ALA D 49 -14.39 2.19 -12.48
C ALA D 49 -15.80 1.83 -12.01
N PHE D 50 -16.13 2.28 -10.80
CA PHE D 50 -17.46 2.12 -10.22
C PHE D 50 -17.94 3.48 -9.78
N TRP D 51 -19.20 3.80 -10.02
CA TRP D 51 -19.65 5.14 -9.72
C TRP D 51 -19.58 5.42 -8.22
N ALA D 52 -19.56 4.36 -7.43
CA ALA D 52 -19.37 4.49 -6.00
C ALA D 52 -18.89 3.20 -5.33
N SER D 53 -18.43 3.36 -4.10
CA SER D 53 -18.07 2.25 -3.23
C SER D 53 -18.68 2.50 -1.86
N ILE D 54 -19.04 1.43 -1.17
CA ILE D 54 -19.71 1.56 0.11
C ILE D 54 -19.07 0.80 1.24
N ALA D 55 -18.83 1.50 2.34
CA ALA D 55 -18.24 0.92 3.56
C ALA D 55 -19.25 0.89 4.70
N TYR D 56 -19.53 -0.33 5.17
CA TYR D 56 -20.39 -0.52 6.33
C TYR D 56 -19.61 -0.50 7.63
N TYR D 57 -20.24 0.07 8.66
CA TYR D 57 -19.71 0.12 10.01
C TYR D 57 -20.78 -0.31 10.99
N GLU D 58 -20.37 -0.83 12.13
CA GLU D 58 -21.25 -0.94 13.30
C GLU D 58 -20.61 -0.20 14.48
N LEU D 59 -21.05 1.05 14.68
CA LEU D 59 -20.48 1.97 15.65
C LEU D 59 -19.22 2.63 15.07
N ASN D 60 -18.07 2.48 15.72
CA ASN D 60 -16.83 3.06 15.17
C ASN D 60 -15.89 2.02 14.53
N CYS D 61 -16.40 0.82 14.35
CA CYS D 61 -15.63 -0.29 13.84
C CYS D 61 -16.14 -0.71 12.46
N ARG D 62 -15.25 -0.82 11.48
CA ARG D 62 -15.62 -1.23 10.13
C ARG D 62 -16.08 -2.68 10.13
N VAL D 63 -17.07 -3.00 9.32
CA VAL D 63 -17.58 -4.36 9.28
C VAL D 63 -17.85 -4.84 7.86
N GLY D 64 -17.30 -6.00 7.52
CA GLY D 64 -17.48 -6.58 6.20
C GLY D 64 -16.56 -5.97 5.16
N GLU D 65 -16.57 -6.55 3.96
CA GLU D 65 -15.78 -6.04 2.85
C GLU D 65 -16.42 -4.83 2.19
N VAL D 66 -15.59 -3.99 1.57
CA VAL D 66 -16.10 -2.85 0.85
C VAL D 66 -16.96 -3.30 -0.33
N PHE D 67 -18.02 -2.54 -0.59
CA PHE D 67 -18.89 -2.80 -1.72
C PHE D 67 -18.49 -1.91 -2.88
N HIS D 68 -18.59 -2.43 -4.09
CA HIS D 68 -18.39 -1.61 -5.28
C HIS D 68 -19.59 -1.67 -6.20
N CYS D 69 -20.01 -0.52 -6.73
CA CYS D 69 -21.20 -0.46 -7.56
C CYS D 69 -20.89 -0.04 -9.00
N ASN D 70 -21.16 -0.93 -9.96
CA ASN D 70 -21.08 -0.58 -11.38
C ASN D 70 -22.48 -0.34 -11.98
N ASN D 71 -23.40 -1.24 -11.66
CA ASN D 71 -24.82 -1.02 -11.93
C ASN D 71 -25.28 0.26 -11.22
N ASN D 72 -26.14 1.04 -11.89
CA ASN D 72 -26.52 2.38 -11.45
C ASN D 72 -27.60 2.44 -10.38
N SER D 73 -28.18 1.29 -10.07
CA SER D 73 -29.12 1.18 -8.97
C SER D 73 -28.57 0.18 -7.96
N VAL D 74 -28.62 0.53 -6.67
CA VAL D 74 -28.12 -0.40 -5.66
C VAL D 74 -28.94 -0.37 -4.37
N ILE D 75 -29.50 -1.53 -4.03
CA ILE D 75 -30.15 -1.67 -2.74
C ILE D 75 -29.10 -2.10 -1.74
N VAL D 76 -29.08 -1.40 -0.62
CA VAL D 76 -28.26 -1.78 0.52
C VAL D 76 -29.22 -2.13 1.65
N ASP D 77 -29.51 -3.42 1.79
CA ASP D 77 -30.53 -3.87 2.73
C ASP D 77 -29.94 -4.64 3.90
N GLY D 78 -30.81 -5.26 4.69
CA GLY D 78 -30.38 -6.03 5.85
C GLY D 78 -30.56 -7.52 5.65
N PHE D 79 -30.59 -7.97 4.40
CA PHE D 79 -30.78 -9.39 4.10
C PHE D 79 -29.47 -10.15 3.89
N THR D 80 -29.55 -11.34 3.30
CA THR D 80 -28.42 -12.27 3.36
C THR D 80 -27.89 -12.81 2.03
N ASN D 81 -27.78 -11.95 1.03
CA ASN D 81 -27.24 -12.36 -0.26
C ASN D 81 -25.76 -11.98 -0.41
N PRO D 82 -24.89 -12.99 -0.51
CA PRO D 82 -23.43 -12.87 -0.60
C PRO D 82 -22.90 -12.17 -1.86
N SER D 83 -23.64 -12.21 -2.96
CA SER D 83 -23.10 -11.69 -4.22
C SER D 83 -22.92 -10.16 -4.22
N ASN D 84 -21.79 -9.72 -4.77
CA ASN D 84 -21.58 -8.32 -5.11
C ASN D 84 -21.81 -8.17 -6.61
N ASN D 85 -21.91 -9.31 -7.27
CA ASN D 85 -22.25 -9.38 -8.69
C ASN D 85 -23.73 -9.07 -8.92
N SER D 86 -24.49 -9.04 -7.83
CA SER D 86 -25.92 -8.77 -7.88
C SER D 86 -26.24 -7.29 -7.66
N ASP D 87 -25.30 -6.56 -7.08
CA ASP D 87 -25.49 -5.14 -6.80
C ASP D 87 -26.60 -4.94 -5.77
N ARG D 88 -26.78 -5.98 -4.97
CA ARG D 88 -27.45 -5.87 -3.69
C ARG D 88 -26.36 -5.84 -2.63
N CYS D 89 -26.47 -4.91 -1.69
CA CYS D 89 -25.55 -4.87 -0.57
C CYS D 89 -26.30 -5.28 0.69
N CYS D 90 -26.16 -6.55 1.03
CA CYS D 90 -26.90 -7.13 2.14
C CYS D 90 -26.01 -7.16 3.35
N LEU D 91 -26.42 -6.46 4.38
CA LEU D 91 -25.64 -6.36 5.59
C LEU D 91 -25.93 -7.53 6.49
N GLY D 92 -27.08 -8.14 6.28
CA GLY D 92 -27.57 -9.21 7.14
C GLY D 92 -26.59 -10.33 7.39
N GLN D 93 -25.76 -10.64 6.39
CA GLN D 93 -24.84 -11.77 6.48
C GLN D 93 -23.43 -11.37 6.90
N LEU D 94 -23.22 -10.08 7.13
CA LEU D 94 -21.97 -9.60 7.68
C LEU D 94 -21.84 -10.02 9.13
N SER D 95 -20.64 -10.42 9.52
CA SER D 95 -20.37 -10.86 10.89
C SER D 95 -19.66 -9.83 11.74
N ASN D 96 -20.03 -9.78 13.02
CA ASN D 96 -19.33 -8.97 14.00
C ASN D 96 -19.41 -9.64 15.37
N VAL D 97 -18.41 -9.37 16.20
CA VAL D 97 -18.36 -9.95 17.54
C VAL D 97 -18.31 -8.87 18.62
N ASN D 98 -17.64 -7.76 18.33
CA ASN D 98 -17.83 -6.54 19.10
C ASN D 98 -19.31 -6.14 19.16
N ARG D 99 -20.16 -6.97 18.56
CA ARG D 99 -21.56 -6.63 18.38
C ARG D 99 -22.40 -6.98 19.60
N ASN D 100 -23.11 -5.97 20.11
CA ASN D 100 -24.00 -6.12 21.26
C ASN D 100 -25.45 -6.46 20.87
N SER D 101 -26.37 -6.28 21.82
CA SER D 101 -27.80 -6.55 21.59
C SER D 101 -28.50 -5.40 20.87
N THR D 102 -28.11 -4.18 21.20
CA THR D 102 -28.67 -2.98 20.57
C THR D 102 -28.35 -2.89 19.08
N ILE D 103 -27.15 -3.35 18.69
CA ILE D 103 -26.76 -3.44 17.28
C ILE D 103 -27.48 -4.61 16.64
N GLU D 104 -27.60 -5.69 17.39
CA GLU D 104 -28.23 -6.89 16.89
C GLU D 104 -29.68 -6.60 16.51
N ASN D 105 -30.33 -5.75 17.31
CA ASN D 105 -31.72 -5.38 17.06
C ASN D 105 -31.86 -4.46 15.85
N THR D 106 -31.19 -3.32 15.92
CA THR D 106 -31.20 -2.35 14.83
C THR D 106 -30.98 -3.01 13.46
N ARG D 107 -30.22 -4.09 13.44
CA ARG D 107 -29.91 -4.80 12.20
C ARG D 107 -31.13 -5.46 11.56
N ARG D 108 -32.09 -5.86 12.40
CA ARG D 108 -33.32 -6.51 11.93
C ARG D 108 -34.24 -5.53 11.20
N HIS D 109 -34.23 -4.29 11.66
CA HIS D 109 -35.05 -3.24 11.10
C HIS D 109 -34.33 -2.48 10.01
N ILE D 110 -33.57 -3.21 9.20
CA ILE D 110 -32.97 -2.63 8.01
C ILE D 110 -33.82 -3.08 6.83
N GLY D 111 -34.29 -4.32 6.89
CA GLY D 111 -35.15 -4.85 5.85
C GLY D 111 -34.70 -4.42 4.47
N LYS D 112 -35.60 -3.81 3.69
CA LYS D 112 -35.30 -3.37 2.33
C LYS D 112 -34.26 -2.25 2.33
N GLY D 113 -34.15 -1.57 3.47
CA GLY D 113 -32.99 -0.76 3.80
C GLY D 113 -32.86 0.60 3.16
N VAL D 114 -32.27 0.63 1.97
CA VAL D 114 -32.12 1.87 1.20
C VAL D 114 -31.83 1.54 -0.26
N HIS D 115 -32.38 2.36 -1.14
CA HIS D 115 -32.10 2.23 -2.55
C HIS D 115 -31.44 3.50 -3.01
N LEU D 116 -30.35 3.35 -3.75
CA LEU D 116 -29.57 4.49 -4.20
C LEU D 116 -29.38 4.39 -5.71
N TYR D 117 -29.59 5.51 -6.40
CA TYR D 117 -29.68 5.50 -7.86
C TYR D 117 -28.79 6.57 -8.48
N TYR D 118 -28.09 6.18 -9.55
CA TYR D 118 -27.19 7.08 -10.26
C TYR D 118 -27.72 7.34 -11.65
N VAL D 119 -28.55 8.36 -11.78
CA VAL D 119 -29.14 8.72 -13.06
C VAL D 119 -28.45 9.97 -13.60
N THR D 120 -27.99 9.90 -14.86
CA THR D 120 -27.26 11.02 -15.46
C THR D 120 -26.06 11.42 -14.59
N GLY D 121 -26.24 12.50 -13.83
CA GLY D 121 -25.23 12.96 -12.88
C GLY D 121 -25.91 13.17 -11.55
N GLU D 122 -26.86 12.30 -11.26
CA GLU D 122 -27.70 12.41 -10.06
C GLU D 122 -27.52 11.21 -9.15
N VAL D 123 -27.98 11.33 -7.92
CA VAL D 123 -27.95 10.22 -6.98
C VAL D 123 -28.98 10.41 -5.88
N TYR D 124 -29.86 9.40 -5.73
CA TYR D 124 -31.02 9.52 -4.85
C TYR D 124 -31.01 8.48 -3.73
N ALA D 125 -31.77 8.78 -2.67
CA ALA D 125 -31.82 7.92 -1.47
C ALA D 125 -33.24 7.77 -0.89
N GLU D 126 -33.81 6.58 -1.10
CA GLU D 126 -35.16 6.27 -0.65
C GLU D 126 -35.13 5.27 0.51
N CYS D 127 -35.78 5.62 1.63
CA CYS D 127 -35.78 4.80 2.84
C CYS D 127 -36.79 3.66 2.80
N LEU D 128 -36.39 2.53 2.21
CA LEU D 128 -37.27 1.37 2.04
C LEU D 128 -37.47 0.57 3.33
N SER D 129 -36.52 0.66 4.26
CA SER D 129 -36.70 0.03 5.55
C SER D 129 -37.91 0.65 6.23
N ASP D 130 -38.78 -0.20 6.78
CA ASP D 130 -39.90 0.26 7.57
C ASP D 130 -39.42 1.19 8.68
N SER D 131 -38.14 1.10 9.02
CA SER D 131 -37.54 2.05 9.95
C SER D 131 -36.78 3.15 9.20
N ALA D 132 -36.51 4.25 9.88
CA ALA D 132 -35.95 5.46 9.24
C ALA D 132 -34.47 5.38 8.87
N ILE D 133 -34.04 6.27 7.99
CA ILE D 133 -32.60 6.51 7.77
C ILE D 133 -32.18 7.95 8.13
N PHE D 134 -30.90 8.26 7.96
CA PHE D 134 -30.33 9.46 8.57
C PHE D 134 -29.15 10.02 7.78
N VAL D 135 -29.36 10.41 6.53
CA VAL D 135 -28.23 10.86 5.71
C VAL D 135 -27.44 12.05 6.30
N GLN D 136 -26.19 12.14 5.88
CA GLN D 136 -25.38 13.33 6.10
C GLN D 136 -24.52 13.56 4.86
N SER D 137 -25.18 13.97 3.77
CA SER D 137 -24.49 14.41 2.57
C SER D 137 -23.98 15.83 2.82
N ARG D 138 -22.82 16.16 2.26
CA ARG D 138 -22.29 17.52 2.40
C ARG D 138 -22.63 18.34 1.17
N ASN D 139 -22.84 17.64 0.06
CA ASN D 139 -23.24 18.26 -1.20
C ASN D 139 -24.42 19.19 -0.98
N CYS D 140 -25.49 18.65 -0.42
CA CYS D 140 -26.72 19.42 -0.23
C CYS D 140 -26.95 19.86 1.21
N ASN D 141 -26.19 19.31 2.16
CA ASN D 141 -26.20 19.87 3.49
C ASN D 141 -25.51 21.23 3.41
N TYR D 142 -25.39 21.75 2.19
CA TYR D 142 -24.94 23.11 1.93
C TYR D 142 -25.71 23.74 0.77
N GLN D 143 -25.89 22.98 -0.32
CA GLN D 143 -26.63 23.46 -1.49
C GLN D 143 -27.99 24.00 -1.10
N HIS D 144 -28.57 23.42 -0.05
CA HIS D 144 -29.78 23.94 0.53
C HIS D 144 -29.47 24.61 1.86
N GLY D 145 -28.56 25.56 1.81
CA GLY D 145 -28.25 26.45 2.92
C GLY D 145 -27.74 25.81 4.20
N PHE D 146 -28.30 24.66 4.56
CA PHE D 146 -28.05 24.03 5.85
C PHE D 146 -26.55 23.93 6.16
N HIS D 147 -26.23 23.86 7.44
CA HIS D 147 -24.85 23.65 7.87
C HIS D 147 -24.50 22.16 7.77
N PRO D 148 -23.62 21.81 6.81
CA PRO D 148 -23.33 20.44 6.36
C PRO D 148 -23.31 19.35 7.44
N SER D 149 -22.65 19.60 8.57
CA SER D 149 -22.54 18.56 9.59
C SER D 149 -23.83 18.36 10.40
N THR D 150 -24.96 18.29 9.71
CA THR D 150 -26.22 17.96 10.37
C THR D 150 -26.85 16.73 9.73
N VAL D 151 -27.44 15.89 10.56
CA VAL D 151 -28.18 14.71 10.10
C VAL D 151 -29.46 15.18 9.43
N CYS D 152 -29.93 14.42 8.43
CA CYS D 152 -30.99 14.91 7.56
C CYS D 152 -32.09 13.88 7.28
N LYS D 153 -32.86 13.59 8.34
CA LYS D 153 -34.07 12.76 8.31
C LYS D 153 -34.61 12.32 6.94
N ILE D 154 -34.90 11.02 6.82
CA ILE D 154 -35.58 10.45 5.67
C ILE D 154 -36.42 9.26 6.12
N PRO D 155 -37.52 9.54 6.83
CA PRO D 155 -38.42 8.48 7.31
C PRO D 155 -38.84 7.54 6.18
N PRO D 156 -39.43 6.37 6.53
CA PRO D 156 -39.76 5.32 5.55
C PRO D 156 -40.33 5.88 4.25
N GLY D 157 -40.33 5.06 3.18
CA GLY D 157 -40.92 5.43 1.91
C GLY D 157 -40.43 6.75 1.31
N CYS D 158 -39.72 7.54 2.12
CA CYS D 158 -39.39 8.91 1.77
C CYS D 158 -38.12 9.03 0.93
N SER D 159 -38.25 9.55 -0.29
CA SER D 159 -37.09 9.91 -1.10
C SER D 159 -36.44 11.18 -0.55
N LEU D 160 -35.27 11.50 -1.07
CA LEU D 160 -34.60 12.75 -0.74
C LEU D 160 -33.27 12.88 -1.48
N LYS D 161 -33.31 12.77 -2.81
CA LYS D 161 -32.11 12.81 -3.66
C LYS D 161 -30.90 13.40 -2.94
N ILE D 162 -29.76 12.70 -2.96
CA ILE D 162 -28.63 13.03 -2.08
C ILE D 162 -27.36 13.66 -2.72
N PHE D 163 -27.24 13.62 -4.04
CA PHE D 163 -26.06 14.22 -4.66
C PHE D 163 -26.25 14.56 -6.13
N ASN D 164 -25.58 15.63 -6.55
CA ASN D 164 -25.67 16.14 -7.92
C ASN D 164 -24.33 16.67 -8.41
N ASN D 165 -23.98 16.30 -9.65
CA ASN D 165 -22.66 16.59 -10.21
C ASN D 165 -22.46 18.03 -10.69
N GLN D 166 -23.55 18.73 -11.01
CA GLN D 166 -23.47 20.15 -11.35
C GLN D 166 -23.13 20.96 -10.09
N GLU D 167 -23.88 20.70 -9.02
CA GLU D 167 -23.61 21.30 -7.73
C GLU D 167 -22.15 21.07 -7.36
N PHE D 168 -21.48 20.23 -8.13
CA PHE D 168 -20.10 19.93 -7.87
C PHE D 168 -19.17 20.54 -8.93
N ALA D 169 -19.33 20.12 -10.18
CA ALA D 169 -18.49 20.59 -11.29
C ALA D 169 -18.42 22.12 -11.38
N GLN D 170 -19.23 22.78 -10.55
CA GLN D 170 -19.21 24.23 -10.41
C GLN D 170 -18.52 24.63 -9.11
N LEU D 171 -18.95 24.01 -8.01
CA LEU D 171 -18.35 24.26 -6.71
C LEU D 171 -16.84 23.99 -6.74
N LEU D 172 -16.40 23.33 -7.80
CA LEU D 172 -14.99 22.99 -7.97
C LEU D 172 -14.16 24.19 -8.38
N SER D 173 -14.47 24.74 -9.57
CA SER D 173 -13.75 25.92 -10.06
C SER D 173 -14.05 27.14 -9.21
N GLN D 174 -15.19 27.12 -8.52
CA GLN D 174 -15.52 28.14 -7.53
C GLN D 174 -14.49 28.14 -6.42
N SER D 175 -13.87 26.98 -6.19
CA SER D 175 -12.92 26.83 -5.09
C SER D 175 -11.54 26.40 -5.58
N VAL D 176 -11.31 26.52 -6.88
CA VAL D 176 -9.97 26.31 -7.43
C VAL D 176 -9.07 27.41 -6.90
N ASN D 177 -9.54 28.64 -7.08
CA ASN D 177 -8.74 29.85 -6.84
C ASN D 177 -8.61 30.31 -5.38
N ASN D 178 -9.19 29.56 -4.47
CA ASN D 178 -9.18 29.93 -3.05
C ASN D 178 -7.96 29.42 -2.30
N GLY D 179 -7.43 28.26 -2.74
CA GLY D 179 -6.25 27.70 -2.12
C GLY D 179 -5.98 26.22 -2.38
N PHE D 180 -4.91 25.73 -1.75
CA PHE D 180 -4.53 24.32 -1.80
C PHE D 180 -5.37 23.59 -0.75
N GLU D 181 -5.18 23.99 0.49
CA GLU D 181 -5.94 23.49 1.63
C GLU D 181 -7.41 23.61 1.30
N ALA D 182 -7.73 24.59 0.45
CA ALA D 182 -9.11 24.93 0.09
C ALA D 182 -9.78 23.88 -0.78
N VAL D 183 -9.08 23.42 -1.81
CA VAL D 183 -9.66 22.43 -2.71
C VAL D 183 -9.41 21.00 -2.22
N TYR D 184 -8.37 20.82 -1.40
CA TYR D 184 -8.13 19.53 -0.75
C TYR D 184 -9.29 19.23 0.19
N GLU D 185 -10.15 20.22 0.41
CA GLU D 185 -11.26 20.06 1.32
C GLU D 185 -12.49 19.48 0.65
N LEU D 186 -12.59 19.67 -0.66
CA LEU D 186 -13.74 19.11 -1.38
C LEU D 186 -13.71 17.59 -1.29
N THR D 187 -12.62 17.06 -0.77
CA THR D 187 -12.52 15.66 -0.44
C THR D 187 -13.76 15.25 0.36
N LYS D 188 -13.93 15.87 1.52
CA LYS D 188 -15.05 15.57 2.41
C LYS D 188 -16.41 15.49 1.70
N MET D 189 -16.57 16.26 0.63
CA MET D 189 -17.83 16.31 -0.10
C MET D 189 -18.21 14.98 -0.76
N CYS D 190 -17.21 14.20 -1.19
CA CYS D 190 -17.45 12.99 -1.98
C CYS D 190 -17.74 11.76 -1.14
N THR D 191 -17.70 11.91 0.18
CA THR D 191 -18.06 10.85 1.12
C THR D 191 -19.35 11.14 1.88
N ILE D 192 -20.42 10.46 1.49
CA ILE D 192 -21.72 10.61 2.12
C ILE D 192 -21.93 9.49 3.12
N ARG D 193 -22.12 9.85 4.39
CA ARG D 193 -22.50 8.88 5.43
C ARG D 193 -24.01 8.68 5.41
N MET D 194 -24.50 7.76 6.25
CA MET D 194 -25.94 7.62 6.49
C MET D 194 -26.27 6.48 7.45
N SER D 195 -27.14 6.76 8.42
CA SER D 195 -27.46 5.79 9.46
C SER D 195 -28.75 5.05 9.17
N PHE D 196 -28.89 3.87 9.77
CA PHE D 196 -30.07 3.05 9.60
C PHE D 196 -30.81 3.00 10.93
N VAL D 197 -32.12 3.26 10.88
CA VAL D 197 -32.97 3.22 12.08
C VAL D 197 -32.62 4.30 13.13
N LYS D 198 -31.77 3.96 14.10
CA LYS D 198 -31.48 4.86 15.23
C LYS D 198 -30.70 6.10 14.81
N GLY D 199 -30.73 7.13 15.66
CA GLY D 199 -30.35 8.47 15.23
C GLY D 199 -29.18 9.18 15.89
N TRP D 200 -28.54 10.05 15.11
CA TRP D 200 -27.39 10.84 15.57
C TRP D 200 -27.49 12.31 15.14
N GLY D 201 -26.69 13.17 15.76
CA GLY D 201 -26.58 14.56 15.36
C GLY D 201 -27.47 15.52 16.12
N ALA D 202 -26.89 16.64 16.56
CA ALA D 202 -27.63 17.67 17.30
C ALA D 202 -29.07 17.74 16.80
N GLU D 203 -29.95 17.05 17.52
CA GLU D 203 -31.28 16.73 17.05
C GLU D 203 -31.64 15.45 17.80
N TYR D 204 -30.61 14.75 18.25
CA TYR D 204 -30.77 13.54 19.06
C TYR D 204 -29.65 13.51 20.08
N HIS D 205 -29.72 12.58 21.02
CA HIS D 205 -28.74 12.52 22.09
C HIS D 205 -27.41 12.01 21.57
N ARG D 206 -27.45 11.29 20.45
CA ARG D 206 -26.25 10.78 19.81
C ARG D 206 -25.69 11.80 18.83
N GLN D 207 -24.46 12.27 19.09
CA GLN D 207 -23.89 13.33 18.27
C GLN D 207 -22.95 12.82 17.17
N ASP D 208 -22.08 11.86 17.53
CA ASP D 208 -21.18 11.21 16.56
C ASP D 208 -21.85 10.04 15.86
N VAL D 209 -21.82 10.01 14.54
CA VAL D 209 -22.39 8.89 13.81
C VAL D 209 -21.77 7.55 14.25
N THR D 210 -20.56 7.61 14.81
CA THR D 210 -19.91 6.44 15.37
C THR D 210 -20.67 5.88 16.57
N SER D 211 -21.77 6.54 16.92
CA SER D 211 -22.63 6.10 18.00
C SER D 211 -23.71 5.19 17.46
N THR D 212 -24.28 5.58 16.31
CA THR D 212 -25.34 4.79 15.69
C THR D 212 -24.86 3.35 15.45
N PRO D 213 -25.78 2.37 15.59
CA PRO D 213 -25.40 0.96 15.65
C PRO D 213 -25.07 0.40 14.26
N CYS D 214 -25.64 1.00 13.23
CA CYS D 214 -25.47 0.53 11.87
C CYS D 214 -25.42 1.72 10.93
N TRP D 215 -24.35 1.83 10.16
CA TRP D 215 -24.27 2.90 9.18
C TRP D 215 -23.33 2.60 8.02
N ILE D 216 -23.43 3.39 6.96
CA ILE D 216 -22.60 3.19 5.79
C ILE D 216 -21.90 4.46 5.36
N GLU D 217 -20.90 4.30 4.51
CA GLU D 217 -20.14 5.43 4.02
C GLU D 217 -19.99 5.29 2.53
N ILE D 218 -20.43 6.31 1.82
CA ILE D 218 -20.50 6.22 0.39
C ILE D 218 -19.46 7.08 -0.25
N HIS D 219 -18.64 6.46 -1.09
CA HIS D 219 -17.66 7.20 -1.84
C HIS D 219 -18.13 7.23 -3.29
N LEU D 220 -18.36 8.44 -3.82
CA LEU D 220 -18.67 8.61 -5.25
C LEU D 220 -17.38 8.87 -6.00
N HIS D 221 -17.04 7.97 -6.90
CA HIS D 221 -15.73 8.01 -7.54
C HIS D 221 -15.59 9.09 -8.58
N GLY D 222 -16.64 9.31 -9.36
CA GLY D 222 -16.64 10.36 -10.36
C GLY D 222 -16.10 11.66 -9.79
N PRO D 223 -16.82 12.23 -8.82
CA PRO D 223 -16.40 13.44 -8.10
C PRO D 223 -14.97 13.36 -7.60
N LEU D 224 -14.53 12.16 -7.20
CA LEU D 224 -13.19 11.95 -6.67
C LEU D 224 -12.14 12.00 -7.77
N GLN D 225 -12.45 11.38 -8.90
CA GLN D 225 -11.59 11.40 -10.06
C GLN D 225 -11.43 12.83 -10.52
N TRP D 226 -12.56 13.51 -10.72
CA TRP D 226 -12.60 14.93 -11.07
C TRP D 226 -11.63 15.70 -10.17
N LEU D 227 -11.80 15.53 -8.86
CA LEU D 227 -11.00 16.22 -7.87
C LEU D 227 -9.49 15.90 -7.98
N ASP D 228 -9.16 14.66 -8.32
CA ASP D 228 -7.76 14.23 -8.37
C ASP D 228 -6.95 15.02 -9.40
N LYS D 229 -7.50 15.18 -10.60
CA LYS D 229 -6.78 15.87 -11.66
C LYS D 229 -6.55 17.32 -11.31
N VAL D 230 -7.41 17.84 -10.43
CA VAL D 230 -7.28 19.22 -9.96
C VAL D 230 -6.09 19.35 -9.02
N LEU D 231 -6.10 18.55 -7.96
CA LEU D 231 -5.06 18.57 -6.96
C LEU D 231 -3.68 18.26 -7.52
N THR D 232 -3.62 17.42 -8.55
CA THR D 232 -2.34 16.95 -9.09
C THR D 232 -1.59 18.06 -9.84
N GLN D 233 -2.18 19.24 -9.89
CA GLN D 233 -1.53 20.40 -10.48
C GLN D 233 -1.69 21.60 -9.56
N MET D 234 -0.87 21.64 -8.50
CA MET D 234 -0.90 22.71 -7.51
C MET D 234 0.40 22.76 -6.71
#